data_9D2I
#
_entry.id   9D2I
#
_cell.length_a   1.00
_cell.length_b   1.00
_cell.length_c   1.00
_cell.angle_alpha   90.00
_cell.angle_beta   90.00
_cell.angle_gamma   90.00
#
_symmetry.space_group_name_H-M   'P 1'
#
loop_
_entity.id
_entity.type
_entity.pdbx_description
1 polymer 'DNA polymerase gamma'
2 polymer 'Primer DNA'
3 polymer 'Template DNA'
4 polymer 'Non-Template DNA'
5 non-polymer "2'-DEOXYADENOSINE 5'-TRIPHOSPHATE"
6 non-polymer 'MAGNESIUM ION'
7 non-polymer "3'-DEOXYTHYMIDINE-5'-MONOPHOSPHATE"
#
loop_
_entity_poly.entity_id
_entity_poly.type
_entity_poly.pdbx_seq_one_letter_code
_entity_poly.pdbx_strand_id
1 'polypeptide(L)'
;MASTKKNTAEAPRINPVGIQYLGESLQRQVFGSCGGKDEVEQSDKLMELSKKSLKDHGLWGKKTLITDPISFPLPPLQGR
SLDEHFQKIGRFNSEPYKSFCEDKFTEMVARPAEWLRKPGWVKYVPGMAPVEVAYPDEELVVFDVETLYNVSDYPTLATA
LSSTAWYLWCSPFICGGDDPAALIPLNTLNKEQVVIGHNVAYDRARVLEEYNFRDSKAFFLDTQSLHIASFGLCSRQRPM
FMKNNKKKEAEVESEVHPEISIEDYDDPWLNVSALNSLKDVAKFHCKIDLDKTDRDFFASTDKSTIIENFQKLVNYCATD
VTATSQVFDKIFPVFLKKCPHPVSFAGLKSLSKCILPTKLNDWNDYLNSSESLYQQSKVQIESKIVQIIKDIALLKDKPD
FYLKDPWLSQLDWTTKPLRLTKKGVPAKCQKLPGFPEWYRQLFPSKDTVEPKITIKSRIIPILFKLSWENSPVIWSKESG
WCFNVPHEQVETYKAKNYVLADSVSQEEEEIRMNNLGLQCTGVLFKVPHPNGPTFNCTNLLTKSYNHFFEKGVLKSESEL
AHQALQINSSGSYWMSARERIQSQFVVPNCKFPNEFQSLSAKSSLNNEKTNDLAIIIPKIVPMGTITRRAVENTWLTASN
AKANRIGSELKTQVKAPPGYCFVGADVDSEELWIASLVGDSIFNVHGGTAIGWMCLEGTKNEGTDLHTKTAQILGCSRNE
AKIFNYGRIYGAGAKFASQLLKRFNPSLTDEETKKIANKLYENTKGKTKRSKLFKKFWYGGSESILFNKLESIAEQETPK
TPVLGCGITYSLMKKNLRANSFLPSRINWAIQSSGVDYLHLLCCSMEYIIKKYNLEARLCISIHDEIRFLVSEKDKYRAA
MALQISNIWTRAMFCQQMGINELPQNCAFFSQVDIDSVIRKEVNMDCITPSNKTAIPHGEALDINQLLDKPNSKLGKPSL
DIDSKVSQYAYNYREPVFEEYNKSYTPEFLKYFLAMQVQSDKRDVNRLEDEYLRECTSKEYARDGNTAEYSLLDYIKDVE
KGKRTKVRIMGSNFLDGTKNAKADQRIRLPVNMPDYPTLHKIANDSAIPEKQLLENRRKKENRIDDENKKKLTRKKNTTP
MERKYKRVYGGRKAFEAFYECANKPLDYTLETEKQFFNIPIDGVIDDVLNDKSNYKKKPSQARTASSSPIRKTAKAVHSK
KLPARKSSTTNRNLVELERDITISREYKLAAALEHHHHHH
;
A
2 'polydeoxyribonucleotide'
;(DG)(DA)(DA)(DG)(DA)(DC)(DA)(DG)(DT)(DC)(DT)(DG)(DC)(DG)(DG)(DC)(DG)(DC)(DG)(DC)
(DG)(DG)(DG)
;
P
3 'polydeoxyribonucleotide'
;(DC)(DG)(DG)(DT)(DC)(DG)(DA)(DG)(DA)(DG)(DT)(DC)(DA)(DC)(DG)(DA)(DC)(DT)(DA)(DC)
(DC)(DC)(DG)(DC)(DG)(DC)(DG)(DC)(DC)(DG)(DC)(DA)(DG)(DA)(DC)(DT)(DG)(DT)(DC)(DT)
(DT)(DC)
;
T
4 'polydeoxyribonucleotide'
;(DT)(DT)(DT)(DT)(DG)(DG)(DT)(DA)(DG)(DT)(DC)(DG)(DT)(DG)(DA)(DC)(DT)(DC)(DG)(DA)
(DC)(DC)(DG)
;
N
#
loop_
_chem_comp.id
_chem_comp.type
_chem_comp.name
_chem_comp.formula
2DT DNA linking 3'-DEOXYTHYMIDINE-5'-MONOPHOSPHATE 'C10 H15 N2 O7 P'
DA DNA linking 2'-DEOXYADENOSINE-5'-MONOPHOSPHATE 'C10 H14 N5 O6 P'
DC DNA linking 2'-DEOXYCYTIDINE-5'-MONOPHOSPHATE 'C9 H14 N3 O7 P'
DG DNA linking 2'-DEOXYGUANOSINE-5'-MONOPHOSPHATE 'C10 H14 N5 O7 P'
DT DNA linking THYMIDINE-5'-MONOPHOSPHATE 'C10 H15 N2 O8 P'
DTP non-polymer '2'-DEOXYADENOSINE 5'-TRIPHOSPHATE' 'C10 H16 N5 O12 P3'
MG non-polymer 'MAGNESIUM ION' 'Mg 2'
#
# COMPACT_ATOMS: atom_id res chain seq x y z
N THR A 8 -24.66 24.26 -38.03
CA THR A 8 -23.33 23.74 -38.32
C THR A 8 -22.77 22.99 -37.12
N ALA A 9 -21.45 22.96 -37.00
CA ALA A 9 -20.80 22.30 -35.89
C ALA A 9 -21.00 23.09 -34.60
N GLU A 10 -20.88 22.39 -33.47
CA GLU A 10 -21.07 23.03 -32.18
C GLU A 10 -19.88 23.93 -31.84
N ALA A 11 -20.14 24.95 -31.02
CA ALA A 11 -19.13 25.90 -30.58
C ALA A 11 -18.63 25.52 -29.20
N PRO A 12 -17.31 25.47 -28.98
CA PRO A 12 -16.79 25.10 -27.65
C PRO A 12 -17.14 26.14 -26.60
N ARG A 13 -17.29 25.66 -25.37
CA ARG A 13 -17.59 26.50 -24.21
C ARG A 13 -16.31 26.73 -23.42
N ILE A 14 -15.94 28.00 -23.23
CA ILE A 14 -14.69 28.36 -22.56
C ILE A 14 -15.03 29.40 -21.48
N ASN A 15 -14.50 29.19 -20.28
CA ASN A 15 -14.62 30.15 -19.19
C ASN A 15 -13.59 31.26 -19.42
N PRO A 16 -13.50 32.29 -18.54
CA PRO A 16 -12.52 33.36 -18.80
C PRO A 16 -11.08 32.91 -18.93
N VAL A 17 -10.65 31.88 -18.21
CA VAL A 17 -9.36 31.27 -18.47
C VAL A 17 -9.49 30.34 -19.67
N GLY A 18 -8.39 30.09 -20.37
CA GLY A 18 -8.49 29.26 -21.56
C GLY A 18 -8.74 27.78 -21.32
N ILE A 19 -9.87 27.45 -20.70
CA ILE A 19 -10.22 26.07 -20.35
C ILE A 19 -11.56 25.73 -20.98
N GLN A 20 -11.62 24.57 -21.64
CA GLN A 20 -12.83 24.10 -22.31
C GLN A 20 -13.69 23.28 -21.36
N TYR A 21 -15.01 23.41 -21.52
CA TYR A 21 -15.99 22.61 -20.78
C TYR A 21 -16.68 21.60 -21.69
N LEU A 22 -17.60 20.85 -21.09
CA LEU A 22 -18.34 19.82 -21.78
C LEU A 22 -19.36 20.42 -22.75
N GLY A 23 -19.78 19.60 -23.71
CA GLY A 23 -20.76 20.02 -24.68
C GLY A 23 -22.15 20.15 -24.08
N GLU A 24 -23.10 20.53 -24.94
CA GLU A 24 -24.46 20.81 -24.47
C GLU A 24 -25.18 19.54 -24.05
N SER A 25 -25.09 18.48 -24.86
CA SER A 25 -25.81 17.25 -24.57
C SER A 25 -25.31 16.59 -23.29
N LEU A 26 -23.99 16.51 -23.11
CA LEU A 26 -23.44 15.92 -21.90
C LEU A 26 -23.76 16.76 -20.67
N GLN A 27 -23.73 18.08 -20.81
CA GLN A 27 -24.11 18.97 -19.71
C GLN A 27 -25.55 18.73 -19.29
N ARG A 28 -26.46 18.63 -20.25
CA ARG A 28 -27.86 18.38 -19.94
C ARG A 28 -28.05 17.01 -19.29
N GLN A 29 -27.36 15.99 -19.80
CA GLN A 29 -27.57 14.64 -19.28
C GLN A 29 -26.95 14.45 -17.90
N VAL A 30 -25.88 15.19 -17.58
CA VAL A 30 -25.20 14.96 -16.32
C VAL A 30 -25.67 15.95 -15.26
N PHE A 31 -25.52 17.25 -15.52
CA PHE A 31 -25.82 18.26 -14.51
C PHE A 31 -27.27 18.75 -14.59
N GLY A 32 -28.04 18.28 -15.55
CA GLY A 32 -29.40 18.78 -15.69
C GLY A 32 -29.37 20.21 -16.19
N SER A 33 -30.13 21.08 -15.53
CA SER A 33 -30.16 22.50 -15.83
C SER A 33 -29.81 23.27 -14.57
N CYS A 34 -28.60 23.83 -14.54
CA CYS A 34 -28.13 24.60 -13.39
C CYS A 34 -27.36 25.82 -13.89
N GLY A 35 -27.77 27.00 -13.43
CA GLY A 35 -27.08 28.23 -13.77
C GLY A 35 -27.20 29.27 -12.67
N GLY A 36 -26.07 29.78 -12.20
CA GLY A 36 -26.08 30.73 -11.10
C GLY A 36 -25.29 31.99 -11.38
N LYS A 37 -25.98 33.13 -11.40
CA LYS A 37 -25.32 34.42 -11.55
C LYS A 37 -24.77 34.97 -10.23
N ASP A 38 -25.05 34.30 -9.11
CA ASP A 38 -24.51 34.77 -7.84
C ASP A 38 -23.00 34.56 -7.75
N GLU A 39 -22.51 33.46 -8.31
CA GLU A 39 -21.06 33.30 -8.42
C GLU A 39 -20.46 34.43 -9.25
N VAL A 40 -21.11 34.76 -10.36
CA VAL A 40 -20.71 35.89 -11.21
C VAL A 40 -20.74 37.19 -10.42
N GLU A 41 -21.70 37.32 -9.49
CA GLU A 41 -21.96 38.58 -8.81
C GLU A 41 -20.75 39.04 -8.00
N GLN A 42 -20.14 38.13 -7.23
CA GLN A 42 -18.91 38.44 -6.54
C GLN A 42 -17.67 38.12 -7.39
N SER A 43 -17.85 37.48 -8.55
CA SER A 43 -16.74 36.99 -9.34
C SER A 43 -15.78 38.08 -9.80
N ASP A 44 -16.22 39.33 -9.86
CA ASP A 44 -15.35 40.39 -10.35
C ASP A 44 -14.14 40.62 -9.42
N LYS A 45 -14.38 40.69 -8.11
CA LYS A 45 -13.30 40.81 -7.12
C LYS A 45 -12.36 39.61 -7.17
N LEU A 46 -12.94 38.40 -7.16
CA LEU A 46 -12.18 37.17 -7.21
C LEU A 46 -11.34 37.09 -8.47
N MET A 47 -11.91 37.54 -9.60
CA MET A 47 -11.24 37.52 -10.89
C MET A 47 -10.08 38.49 -10.95
N GLU A 48 -10.22 39.65 -10.31
CA GLU A 48 -9.08 40.56 -10.21
C GLU A 48 -7.92 39.92 -9.45
N LEU A 49 -8.21 39.28 -8.31
CA LEU A 49 -7.14 38.66 -7.54
C LEU A 49 -6.48 37.49 -8.29
N SER A 50 -7.31 36.64 -8.90
CA SER A 50 -6.83 35.50 -9.69
C SER A 50 -6.01 35.94 -10.89
N LYS A 51 -6.47 36.99 -11.57
CA LYS A 51 -5.73 37.58 -12.68
C LYS A 51 -4.35 38.06 -12.24
N LYS A 52 -4.28 38.70 -11.07
CA LYS A 52 -2.98 39.19 -10.61
C LYS A 52 -2.00 38.05 -10.38
N SER A 53 -2.45 36.96 -9.74
CA SER A 53 -1.55 35.82 -9.55
C SER A 53 -1.11 35.22 -10.87
N LEU A 54 -2.05 35.00 -11.79
CA LEU A 54 -1.72 34.38 -13.08
C LEU A 54 -0.82 35.26 -13.92
N LYS A 55 -0.91 36.58 -13.75
CA LYS A 55 0.00 37.48 -14.46
C LYS A 55 1.39 37.47 -13.85
N ASP A 56 1.49 37.34 -12.53
CA ASP A 56 2.82 37.33 -11.91
C ASP A 56 3.61 36.10 -12.29
N HIS A 57 3.01 34.90 -12.23
CA HIS A 57 3.84 33.73 -12.48
C HIS A 57 4.23 33.56 -13.94
N GLY A 58 3.48 34.16 -14.86
CA GLY A 58 3.79 34.05 -16.27
C GLY A 58 2.87 33.14 -17.07
N LEU A 59 1.74 32.71 -16.49
CA LEU A 59 0.86 31.76 -17.12
C LEU A 59 -0.28 32.40 -17.91
N TRP A 60 -0.45 33.73 -17.82
CA TRP A 60 -1.56 34.39 -18.47
C TRP A 60 -1.32 34.49 -19.98
N GLY A 61 -2.32 34.09 -20.76
CA GLY A 61 -2.24 34.16 -22.20
C GLY A 61 -1.59 32.98 -22.88
N LYS A 62 -1.18 31.97 -22.13
CA LYS A 62 -0.55 30.79 -22.73
C LYS A 62 -1.57 29.94 -23.47
N LYS A 63 -1.09 29.22 -24.48
CA LYS A 63 -1.95 28.39 -25.32
C LYS A 63 -2.37 27.13 -24.59
N THR A 64 -3.61 26.69 -24.86
CA THR A 64 -4.16 25.47 -24.29
C THR A 64 -4.73 24.60 -25.41
N LEU A 65 -5.00 23.34 -25.08
CA LEU A 65 -5.48 22.38 -26.06
C LEU A 65 -6.98 22.54 -26.28
N ILE A 66 -7.40 22.54 -27.54
CA ILE A 66 -8.79 22.69 -27.94
C ILE A 66 -9.16 21.50 -28.81
N THR A 67 -10.27 20.84 -28.48
CA THR A 67 -10.69 19.61 -29.14
C THR A 67 -12.18 19.72 -29.46
N ASP A 68 -12.61 19.08 -30.55
CA ASP A 68 -14.01 19.08 -30.94
C ASP A 68 -14.88 18.44 -29.86
N PRO A 69 -16.11 18.93 -29.69
CA PRO A 69 -16.98 18.40 -28.63
C PRO A 69 -17.37 16.95 -28.87
N ILE A 70 -17.62 16.25 -27.78
CA ILE A 70 -18.04 14.85 -27.80
C ILE A 70 -19.45 14.76 -27.25
N SER A 71 -20.32 14.04 -27.95
CA SER A 71 -21.70 13.84 -27.50
C SER A 71 -22.17 12.46 -27.92
N PHE A 72 -22.63 11.67 -26.96
CA PHE A 72 -23.18 10.35 -27.20
C PHE A 72 -24.17 10.05 -26.08
N PRO A 73 -25.21 9.26 -26.34
CA PRO A 73 -26.24 9.04 -25.32
C PRO A 73 -25.72 8.25 -24.11
N LEU A 74 -26.31 8.55 -22.96
CA LEU A 74 -25.94 7.99 -21.66
C LEU A 74 -27.17 7.45 -20.98
N PRO A 75 -27.01 6.44 -20.12
CA PRO A 75 -28.15 5.93 -19.34
C PRO A 75 -28.71 7.01 -18.43
N PRO A 76 -30.02 7.08 -18.28
CA PRO A 76 -30.61 8.15 -17.47
C PRO A 76 -30.31 7.98 -15.99
N LEU A 77 -30.24 9.13 -15.31
CA LEU A 77 -30.04 9.15 -13.87
C LEU A 77 -31.34 8.86 -13.14
N GLN A 78 -31.22 8.37 -11.91
CA GLN A 78 -32.37 8.01 -11.10
C GLN A 78 -32.79 9.10 -10.13
N GLY A 79 -32.14 10.27 -10.17
CA GLY A 79 -32.49 11.35 -9.27
C GLY A 79 -32.29 12.69 -9.94
N ARG A 80 -32.79 13.73 -9.26
CA ARG A 80 -32.62 15.09 -9.77
C ARG A 80 -31.17 15.54 -9.65
N SER A 81 -30.49 15.15 -8.59
CA SER A 81 -29.08 15.46 -8.39
C SER A 81 -28.29 14.17 -8.24
N LEU A 82 -26.96 14.31 -8.26
CA LEU A 82 -26.09 13.14 -8.16
C LEU A 82 -26.15 12.50 -6.78
N ASP A 83 -26.33 13.31 -5.74
CA ASP A 83 -26.36 12.78 -4.37
C ASP A 83 -27.55 11.85 -4.16
N GLU A 84 -28.73 12.25 -4.64
CA GLU A 84 -29.93 11.41 -4.51
C GLU A 84 -29.79 10.12 -5.31
N HIS A 85 -29.24 10.21 -6.52
CA HIS A 85 -29.06 9.03 -7.36
C HIS A 85 -28.10 8.03 -6.72
N PHE A 86 -26.96 8.53 -6.20
CA PHE A 86 -26.02 7.65 -5.54
C PHE A 86 -26.60 7.09 -4.24
N GLN A 87 -27.41 7.86 -3.52
CA GLN A 87 -28.04 7.36 -2.31
C GLN A 87 -28.97 6.19 -2.60
N LYS A 88 -29.85 6.35 -3.59
CA LYS A 88 -30.78 5.29 -3.93
C LYS A 88 -30.06 4.05 -4.46
N ILE A 89 -29.04 4.24 -5.30
CA ILE A 89 -28.29 3.09 -5.82
C ILE A 89 -27.56 2.37 -4.68
N GLY A 90 -26.98 3.13 -3.76
CA GLY A 90 -26.27 2.52 -2.64
C GLY A 90 -27.19 1.74 -1.72
N ARG A 91 -28.40 2.25 -1.48
CA ARG A 91 -29.37 1.48 -0.71
C ARG A 91 -29.81 0.23 -1.47
N PHE A 92 -29.99 0.33 -2.79
CA PHE A 92 -30.46 -0.83 -3.55
C PHE A 92 -29.43 -1.94 -3.56
N ASN A 93 -28.14 -1.60 -3.66
CA ASN A 93 -27.12 -2.64 -3.73
C ASN A 93 -26.96 -3.41 -2.43
N SER A 94 -27.21 -2.76 -1.28
CA SER A 94 -26.84 -3.33 0.01
C SER A 94 -28.04 -3.60 0.91
N GLU A 95 -29.25 -3.65 0.37
CA GLU A 95 -30.45 -3.77 1.20
C GLU A 95 -30.55 -5.08 1.99
N PRO A 96 -30.50 -6.27 1.38
CA PRO A 96 -30.78 -7.49 2.17
C PRO A 96 -29.75 -7.75 3.26
N TYR A 97 -28.47 -7.62 2.94
CA TYR A 97 -27.43 -7.89 3.91
C TYR A 97 -27.46 -6.89 5.05
N LYS A 98 -27.78 -5.63 4.74
CA LYS A 98 -27.90 -4.62 5.78
C LYS A 98 -29.06 -4.93 6.71
N SER A 99 -30.16 -5.43 6.17
CA SER A 99 -31.25 -5.86 7.06
C SER A 99 -30.82 -7.03 7.93
N PHE A 100 -30.05 -7.98 7.38
CA PHE A 100 -29.61 -9.13 8.18
C PHE A 100 -28.62 -8.73 9.26
N CYS A 101 -27.71 -7.80 8.98
CA CYS A 101 -26.69 -7.44 9.97
C CYS A 101 -27.31 -6.76 11.18
N GLU A 102 -28.29 -5.89 10.97
CA GLU A 102 -29.07 -5.39 12.10
C GLU A 102 -30.01 -6.47 12.60
N ASP A 103 -30.50 -6.26 13.83
CA ASP A 103 -31.44 -7.19 14.49
C ASP A 103 -30.83 -8.58 14.64
N LYS A 104 -29.53 -8.64 14.90
CA LYS A 104 -28.88 -9.91 15.19
C LYS A 104 -29.20 -10.34 16.62
N PHE A 105 -29.15 -11.65 16.86
CA PHE A 105 -29.47 -12.19 18.18
C PHE A 105 -28.53 -11.65 19.26
N THR A 106 -29.08 -11.41 20.44
CA THR A 106 -28.30 -10.96 21.59
C THR A 106 -28.00 -12.10 22.56
N GLU A 107 -29.03 -12.82 23.02
CA GLU A 107 -28.82 -13.96 23.88
C GLU A 107 -28.25 -15.13 23.08
N MET A 108 -27.58 -16.03 23.79
CA MET A 108 -26.87 -17.14 23.17
C MET A 108 -27.43 -18.48 23.60
N VAL A 109 -27.45 -19.41 22.66
CA VAL A 109 -27.93 -20.77 22.90
C VAL A 109 -26.85 -21.56 23.63
N ALA A 110 -27.26 -22.36 24.61
CA ALA A 110 -26.34 -23.17 25.37
C ALA A 110 -25.72 -24.27 24.50
N ARG A 111 -24.62 -24.82 24.98
CA ARG A 111 -23.80 -25.80 24.29
C ARG A 111 -24.28 -27.22 24.60
N PRO A 112 -24.13 -28.14 23.65
CA PRO A 112 -24.39 -29.55 23.96
C PRO A 112 -23.38 -30.09 24.95
N ALA A 113 -23.83 -31.06 25.75
CA ALA A 113 -22.95 -31.67 26.74
C ALA A 113 -21.87 -32.52 26.08
N GLU A 114 -22.22 -33.23 25.01
CA GLU A 114 -21.30 -34.15 24.35
C GLU A 114 -21.37 -33.92 22.84
N TRP A 115 -20.21 -33.96 22.19
CA TRP A 115 -20.12 -33.80 20.75
C TRP A 115 -19.86 -35.16 20.10
N LEU A 116 -20.55 -35.43 19.00
CA LEU A 116 -20.47 -36.71 18.32
C LEU A 116 -19.54 -36.61 17.11
N ARG A 117 -18.59 -37.53 17.01
CA ARG A 117 -17.63 -37.53 15.90
C ARG A 117 -18.20 -38.35 14.76
N LYS A 118 -18.69 -37.66 13.72
CA LYS A 118 -19.20 -38.30 12.52
C LYS A 118 -19.05 -37.32 11.37
N PRO A 119 -18.77 -37.80 10.16
CA PRO A 119 -18.43 -36.89 9.06
C PRO A 119 -19.61 -36.05 8.61
N GLY A 120 -19.34 -34.79 8.30
CA GLY A 120 -20.38 -33.91 7.78
C GLY A 120 -20.87 -32.86 8.76
N TRP A 121 -22.12 -32.44 8.59
CA TRP A 121 -22.75 -31.38 9.37
C TRP A 121 -23.78 -31.97 10.33
N VAL A 122 -23.62 -31.66 11.62
CA VAL A 122 -24.54 -32.12 12.66
C VAL A 122 -25.10 -30.89 13.38
N LYS A 123 -26.42 -30.91 13.61
CA LYS A 123 -27.18 -29.84 14.22
C LYS A 123 -27.61 -30.25 15.62
N TYR A 124 -27.35 -29.38 16.59
CA TYR A 124 -27.74 -29.58 17.99
C TYR A 124 -28.69 -28.46 18.41
N VAL A 125 -29.88 -28.85 18.86
CA VAL A 125 -30.87 -27.93 19.37
C VAL A 125 -31.20 -28.37 20.79
N PRO A 126 -31.26 -27.46 21.77
CA PRO A 126 -31.57 -27.88 23.15
C PRO A 126 -32.95 -28.49 23.26
N GLY A 127 -33.04 -29.58 24.02
CA GLY A 127 -34.29 -30.29 24.21
C GLY A 127 -34.62 -31.31 23.13
N MET A 128 -33.79 -31.48 22.13
CA MET A 128 -34.06 -32.41 21.04
C MET A 128 -32.80 -33.21 20.73
N ALA A 129 -32.98 -34.31 19.99
CA ALA A 129 -31.87 -35.13 19.58
C ALA A 129 -31.10 -34.46 18.45
N PRO A 130 -29.79 -34.72 18.36
CA PRO A 130 -29.01 -34.17 17.24
C PRO A 130 -29.46 -34.73 15.89
N VAL A 131 -29.32 -33.91 14.86
CA VAL A 131 -29.82 -34.24 13.53
C VAL A 131 -28.71 -34.04 12.51
N GLU A 132 -28.61 -34.95 11.54
CA GLU A 132 -27.66 -34.78 10.45
C GLU A 132 -28.26 -33.91 9.36
N VAL A 133 -27.52 -32.89 8.93
CA VAL A 133 -28.02 -31.97 7.92
C VAL A 133 -27.01 -31.86 6.78
N ALA A 134 -27.50 -31.44 5.62
CA ALA A 134 -26.62 -31.20 4.49
C ALA A 134 -25.96 -29.83 4.59
N TYR A 135 -26.75 -28.80 4.87
CA TYR A 135 -26.29 -27.43 5.04
C TYR A 135 -26.84 -26.87 6.34
N PRO A 136 -26.17 -25.87 6.93
CA PRO A 136 -26.80 -25.14 8.04
C PRO A 136 -28.07 -24.43 7.63
N ASP A 137 -28.07 -23.80 6.44
CA ASP A 137 -29.25 -23.16 5.85
C ASP A 137 -29.82 -22.10 6.79
N GLU A 138 -28.99 -21.10 7.08
CA GLU A 138 -29.37 -20.00 7.96
C GLU A 138 -28.93 -18.68 7.35
N GLU A 139 -29.59 -17.60 7.78
CA GLU A 139 -29.31 -16.27 7.22
C GLU A 139 -28.00 -15.71 7.75
N LEU A 140 -27.71 -15.91 9.03
CA LEU A 140 -26.51 -15.36 9.65
C LEU A 140 -25.89 -16.40 10.56
N VAL A 141 -24.58 -16.64 10.41
CA VAL A 141 -23.82 -17.54 11.28
C VAL A 141 -22.48 -16.91 11.61
N VAL A 142 -21.84 -17.45 12.65
CA VAL A 142 -20.49 -17.06 13.05
C VAL A 142 -19.60 -18.29 12.95
N PHE A 143 -18.45 -18.15 12.31
CA PHE A 143 -17.76 -19.25 11.65
C PHE A 143 -16.28 -19.28 12.01
N ASP A 144 -15.71 -20.47 12.06
CA ASP A 144 -14.31 -20.66 12.42
C ASP A 144 -13.79 -21.96 11.82
N VAL A 145 -12.51 -21.98 11.47
CA VAL A 145 -11.87 -23.10 10.76
C VAL A 145 -10.55 -23.42 11.44
N GLU A 146 -10.28 -24.71 11.63
CA GLU A 146 -9.00 -25.18 12.15
C GLU A 146 -8.39 -26.20 11.19
N THR A 147 -7.07 -26.10 11.01
CA THR A 147 -6.33 -26.92 10.07
C THR A 147 -5.12 -27.55 10.76
N LEU A 148 -4.65 -28.65 10.18
CA LEU A 148 -3.46 -29.35 10.66
C LEU A 148 -2.36 -29.05 9.65
N TYR A 149 -1.62 -27.95 9.90
CA TYR A 149 -0.91 -27.28 8.82
C TYR A 149 0.39 -27.98 8.40
N ASN A 150 1.02 -28.77 9.27
CA ASN A 150 2.24 -29.45 8.86
C ASN A 150 1.96 -30.61 7.92
N VAL A 151 0.76 -31.17 7.96
CA VAL A 151 0.44 -32.32 7.11
C VAL A 151 -0.11 -31.86 5.77
N SER A 152 -1.16 -31.04 5.79
CA SER A 152 -1.81 -30.60 4.57
C SER A 152 -2.50 -29.27 4.81
N ASP A 153 -2.90 -28.62 3.71
CA ASP A 153 -3.54 -27.32 3.76
C ASP A 153 -5.05 -27.38 3.94
N TYR A 154 -5.64 -28.57 3.89
CA TYR A 154 -7.08 -28.72 3.94
C TYR A 154 -7.59 -28.72 5.37
N PRO A 155 -8.83 -28.29 5.61
CA PRO A 155 -9.31 -28.13 6.99
C PRO A 155 -9.54 -29.46 7.67
N THR A 156 -9.75 -29.40 8.99
CA THR A 156 -9.99 -30.60 9.78
C THR A 156 -11.34 -30.58 10.50
N LEU A 157 -11.72 -29.46 11.12
CA LEU A 157 -13.02 -29.38 11.77
C LEU A 157 -13.48 -27.93 11.78
N ALA A 158 -14.79 -27.75 11.98
CA ALA A 158 -15.35 -26.40 12.04
C ALA A 158 -16.61 -26.40 12.89
N THR A 159 -16.98 -25.23 13.39
CA THR A 159 -18.19 -25.08 14.19
C THR A 159 -18.86 -23.76 13.85
N ALA A 160 -20.15 -23.66 14.16
CA ALA A 160 -20.91 -22.45 13.86
C ALA A 160 -22.05 -22.30 14.86
N LEU A 161 -22.39 -21.04 15.13
CA LEU A 161 -23.45 -20.67 16.07
C LEU A 161 -24.47 -19.80 15.35
N SER A 162 -25.75 -20.11 15.55
CA SER A 162 -26.84 -19.39 14.93
C SER A 162 -27.81 -18.91 16.01
N SER A 163 -28.97 -18.42 15.57
CA SER A 163 -29.94 -17.87 16.50
C SER A 163 -30.55 -18.94 17.38
N THR A 164 -30.76 -20.15 16.86
CA THR A 164 -31.50 -21.17 17.59
C THR A 164 -30.81 -22.53 17.65
N ALA A 165 -29.59 -22.66 17.15
CA ALA A 165 -28.97 -23.98 17.10
C ALA A 165 -27.45 -23.86 17.09
N TRP A 166 -26.80 -25.01 17.23
CA TRP A 166 -25.35 -25.12 17.13
C TRP A 166 -25.03 -26.12 16.02
N TYR A 167 -23.97 -25.87 15.25
CA TYR A 167 -23.62 -26.75 14.15
C TYR A 167 -22.15 -27.13 14.20
N LEU A 168 -21.85 -28.39 13.88
CA LEU A 168 -20.50 -28.94 13.88
C LEU A 168 -20.22 -29.67 12.59
N TRP A 169 -19.05 -29.42 11.99
CA TRP A 169 -18.64 -30.11 10.76
C TRP A 169 -17.33 -30.84 11.00
N CYS A 170 -17.33 -32.13 10.69
CA CYS A 170 -16.17 -32.99 10.88
C CYS A 170 -15.71 -33.58 9.55
N SER A 171 -14.39 -33.56 9.33
CA SER A 171 -13.82 -34.03 8.08
C SER A 171 -13.85 -35.56 8.00
N PRO A 172 -13.92 -36.12 6.79
CA PRO A 172 -13.81 -37.57 6.65
C PRO A 172 -12.43 -38.11 6.94
N PHE A 173 -11.39 -37.26 6.95
CA PHE A 173 -10.03 -37.75 7.13
C PHE A 173 -9.81 -38.35 8.51
N ILE A 174 -10.28 -37.66 9.56
CA ILE A 174 -10.04 -38.16 10.91
C ILE A 174 -10.88 -39.39 11.20
N CYS A 175 -12.06 -39.52 10.58
CA CYS A 175 -12.89 -40.69 10.83
C CYS A 175 -12.30 -41.95 10.24
N GLY A 176 -11.67 -41.86 9.06
CA GLY A 176 -11.07 -43.01 8.43
C GLY A 176 -10.51 -42.65 7.08
N GLY A 177 -9.87 -43.63 6.46
CA GLY A 177 -9.29 -43.42 5.15
C GLY A 177 -7.97 -42.68 5.22
N ASP A 178 -7.40 -42.42 4.04
CA ASP A 178 -6.11 -41.75 3.93
C ASP A 178 -6.09 -40.62 2.91
N ASP A 179 -7.25 -40.15 2.45
CA ASP A 179 -7.30 -39.03 1.52
C ASP A 179 -7.66 -37.77 2.29
N PRO A 180 -6.76 -36.78 2.36
CA PRO A 180 -7.01 -35.59 3.19
C PRO A 180 -7.63 -34.41 2.47
N ALA A 181 -8.07 -34.56 1.22
CA ALA A 181 -8.59 -33.45 0.44
C ALA A 181 -10.10 -33.39 0.58
N ALA A 182 -10.61 -32.34 1.21
CA ALA A 182 -12.04 -32.11 1.35
C ALA A 182 -12.27 -30.63 1.62
N LEU A 183 -13.48 -30.18 1.33
CA LEU A 183 -13.85 -28.78 1.53
C LEU A 183 -15.23 -28.72 2.16
N ILE A 184 -15.49 -27.61 2.85
CA ILE A 184 -16.73 -27.41 3.59
C ILE A 184 -17.82 -26.84 2.69
N PRO A 185 -18.98 -27.49 2.57
CA PRO A 185 -20.07 -26.93 1.77
C PRO A 185 -20.99 -26.01 2.57
N LEU A 186 -21.48 -24.97 1.89
CA LEU A 186 -22.35 -23.99 2.55
C LEU A 186 -23.52 -23.54 1.70
N ASN A 187 -23.69 -24.06 0.47
CA ASN A 187 -24.77 -23.65 -0.44
C ASN A 187 -24.73 -22.14 -0.72
N THR A 188 -23.54 -21.66 -1.10
CA THR A 188 -23.35 -20.23 -1.30
C THR A 188 -24.08 -19.73 -2.55
N LEU A 189 -24.11 -20.55 -3.60
CA LEU A 189 -24.62 -20.08 -4.89
C LEU A 189 -26.10 -19.76 -4.85
N ASN A 190 -26.89 -20.54 -4.12
CA ASN A 190 -28.34 -20.43 -4.20
C ASN A 190 -28.98 -19.67 -3.04
N LYS A 191 -28.25 -19.39 -1.96
CA LYS A 191 -28.84 -18.73 -0.82
C LYS A 191 -28.02 -17.51 -0.43
N GLU A 192 -28.71 -16.41 -0.13
CA GLU A 192 -28.07 -15.17 0.33
C GLU A 192 -27.89 -15.21 1.84
N GLN A 193 -26.66 -14.96 2.29
CA GLN A 193 -26.33 -15.13 3.69
C GLN A 193 -25.14 -14.25 4.06
N VAL A 194 -25.01 -13.99 5.37
CA VAL A 194 -23.94 -13.19 5.93
C VAL A 194 -23.16 -14.06 6.91
N VAL A 195 -21.85 -14.10 6.74
CA VAL A 195 -20.94 -14.88 7.59
C VAL A 195 -19.96 -13.93 8.25
N ILE A 196 -19.93 -13.91 9.58
CA ILE A 196 -19.10 -13.00 10.36
C ILE A 196 -17.93 -13.76 10.96
N GLY A 197 -16.74 -13.17 10.89
CA GLY A 197 -15.56 -13.80 11.46
C GLY A 197 -14.29 -12.99 11.44
N HIS A 198 -13.45 -13.16 12.46
CA HIS A 198 -12.16 -12.48 12.52
C HIS A 198 -11.18 -13.12 11.54
N ASN A 199 -10.50 -12.28 10.75
CA ASN A 199 -9.61 -12.71 9.68
C ASN A 199 -10.31 -13.70 8.75
N VAL A 200 -11.49 -13.29 8.27
CA VAL A 200 -12.38 -14.18 7.56
C VAL A 200 -11.85 -14.57 6.18
N ALA A 201 -10.81 -13.88 5.69
CA ALA A 201 -10.22 -14.24 4.41
C ALA A 201 -9.59 -15.63 4.44
N TYR A 202 -9.04 -16.02 5.60
CA TYR A 202 -8.54 -17.38 5.76
C TYR A 202 -9.68 -18.39 5.71
N ASP A 203 -10.83 -18.05 6.32
CA ASP A 203 -11.97 -18.96 6.35
C ASP A 203 -12.62 -19.09 4.98
N ARG A 204 -12.60 -18.01 4.19
CA ARG A 204 -13.28 -18.00 2.89
C ARG A 204 -12.62 -18.94 1.90
N ALA A 205 -11.30 -19.10 1.97
CA ALA A 205 -10.58 -19.96 1.04
C ALA A 205 -10.86 -21.45 1.27
N ARG A 206 -11.52 -21.81 2.36
CA ARG A 206 -11.79 -23.21 2.67
C ARG A 206 -13.17 -23.68 2.23
N VAL A 207 -14.08 -22.75 1.93
CA VAL A 207 -15.45 -23.11 1.58
C VAL A 207 -15.50 -23.72 0.19
N LEU A 208 -16.34 -24.76 0.03
CA LEU A 208 -16.35 -25.54 -1.21
C LEU A 208 -16.93 -24.76 -2.38
N GLU A 209 -18.03 -24.02 -2.16
CA GLU A 209 -18.71 -23.35 -3.26
C GLU A 209 -18.00 -22.09 -3.74
N GLU A 210 -16.89 -21.70 -3.11
CA GLU A 210 -16.17 -20.52 -3.54
C GLU A 210 -15.40 -20.74 -4.83
N TYR A 211 -15.10 -22.00 -5.17
CA TYR A 211 -14.28 -22.31 -6.34
C TYR A 211 -15.14 -22.45 -7.60
N ASN A 212 -15.79 -21.35 -7.94
CA ASN A 212 -16.55 -21.21 -9.18
C ASN A 212 -16.17 -19.89 -9.84
N PHE A 213 -16.33 -19.83 -11.15
CA PHE A 213 -16.21 -18.55 -11.83
C PHE A 213 -17.47 -17.71 -11.72
N ARG A 214 -18.60 -18.34 -11.44
CA ARG A 214 -19.84 -17.61 -11.21
C ARG A 214 -19.77 -16.79 -9.93
N ASP A 215 -20.54 -15.71 -9.90
CA ASP A 215 -20.57 -14.85 -8.72
C ASP A 215 -21.22 -15.56 -7.55
N SER A 216 -20.75 -15.24 -6.35
CA SER A 216 -21.28 -15.83 -5.12
C SER A 216 -22.41 -14.96 -4.58
N LYS A 217 -23.16 -15.54 -3.64
CA LYS A 217 -24.30 -14.84 -3.03
C LYS A 217 -24.13 -14.66 -1.52
N ALA A 218 -22.94 -14.88 -0.98
CA ALA A 218 -22.68 -14.76 0.44
C ALA A 218 -21.73 -13.60 0.70
N PHE A 219 -21.93 -12.93 1.83
CA PHE A 219 -21.12 -11.79 2.23
C PHE A 219 -20.34 -12.17 3.47
N PHE A 220 -19.01 -12.12 3.38
CA PHE A 220 -18.13 -12.40 4.50
C PHE A 220 -17.68 -11.08 5.12
N LEU A 221 -17.99 -10.90 6.40
CA LEU A 221 -17.72 -9.67 7.14
C LEU A 221 -16.59 -9.91 8.13
N ASP A 222 -15.67 -8.96 8.22
CA ASP A 222 -14.47 -9.12 9.02
C ASP A 222 -14.53 -8.08 10.15
N THR A 223 -14.37 -8.55 11.39
CA THR A 223 -14.42 -7.65 12.53
C THR A 223 -13.16 -6.81 12.64
N GLN A 224 -12.02 -7.36 12.19
CA GLN A 224 -10.76 -6.64 12.29
C GLN A 224 -10.82 -5.33 11.53
N SER A 225 -11.32 -5.35 10.29
CA SER A 225 -11.39 -4.14 9.47
C SER A 225 -12.26 -3.07 10.12
N LEU A 226 -13.35 -3.49 10.78
CA LEU A 226 -14.19 -2.55 11.50
C LEU A 226 -13.43 -1.93 12.68
N HIS A 227 -12.64 -2.73 13.38
CA HIS A 227 -11.82 -2.16 14.45
C HIS A 227 -10.71 -1.28 13.89
N ILE A 228 -10.27 -1.53 12.66
CA ILE A 228 -9.22 -0.74 12.06
C ILE A 228 -9.77 0.64 11.72
N ALA A 229 -10.97 0.67 11.12
CA ALA A 229 -11.59 1.89 10.62
C ALA A 229 -12.06 2.81 11.75
N SER A 230 -12.69 2.24 12.77
CA SER A 230 -13.19 3.00 13.91
C SER A 230 -12.54 2.47 15.18
N PHE A 231 -12.28 3.38 16.11
CA PHE A 231 -11.52 3.28 17.35
C PHE A 231 -10.01 3.22 17.09
N GLY A 232 -9.57 3.11 15.84
CA GLY A 232 -8.17 3.23 15.49
C GLY A 232 -7.29 2.16 16.10
N LEU A 233 -5.99 2.37 15.91
CA LEU A 233 -4.99 1.44 16.41
C LEU A 233 -3.66 2.17 16.30
N CYS A 234 -2.61 1.57 16.86
CA CYS A 234 -1.28 2.17 16.85
C CYS A 234 -0.56 1.92 15.51
N SER A 235 -1.08 2.57 14.45
CA SER A 235 -0.61 2.28 13.10
C SER A 235 0.78 2.83 12.86
N ARG A 236 1.01 4.08 13.26
CA ARG A 236 2.33 4.69 13.15
C ARG A 236 3.34 3.88 13.94
N GLN A 237 4.43 3.49 13.26
CA GLN A 237 5.37 2.53 13.85
C GLN A 237 6.03 3.11 15.10
N ARG A 238 6.65 4.26 14.98
CA ARG A 238 7.23 4.90 16.15
C ARG A 238 6.28 5.85 16.90
N PRO A 239 5.55 6.77 16.25
CA PRO A 239 4.82 7.80 17.04
C PRO A 239 3.74 7.27 17.97
N MET A 240 3.00 6.23 17.54
CA MET A 240 1.80 5.76 18.22
C MET A 240 1.89 4.33 18.75
N PHE A 241 2.83 3.53 18.23
CA PHE A 241 2.96 2.11 18.58
C PHE A 241 3.99 1.85 19.68
N MET A 242 5.19 2.44 19.54
CA MET A 242 6.24 2.33 20.56
C MET A 242 5.77 2.80 21.94
N LYS A 243 4.97 3.87 21.97
CA LYS A 243 4.41 4.37 23.23
C LYS A 243 3.50 3.33 23.87
N ASN A 244 2.65 2.70 23.07
CA ASN A 244 1.79 1.63 23.55
C ASN A 244 2.62 0.48 24.09
N ASN A 245 3.72 0.16 23.41
CA ASN A 245 4.59 -0.90 23.89
C ASN A 245 5.26 -0.55 25.22
N LYS A 246 5.72 0.71 25.38
CA LYS A 246 6.41 1.03 26.61
C LYS A 246 5.43 1.09 27.79
N LYS A 247 4.20 1.58 27.56
CA LYS A 247 3.26 1.55 28.68
C LYS A 247 2.86 0.12 29.01
N LYS A 248 2.78 -0.75 28.00
CA LYS A 248 2.42 -2.14 28.26
C LYS A 248 3.49 -2.84 29.08
N GLU A 249 4.77 -2.62 28.75
CA GLU A 249 5.82 -3.26 29.54
C GLU A 249 5.92 -2.65 30.94
N ALA A 250 5.59 -1.36 31.09
CA ALA A 250 5.53 -0.77 32.42
C ALA A 250 4.42 -1.39 33.26
N GLU A 251 3.26 -1.64 32.64
CA GLU A 251 2.17 -2.31 33.37
C GLU A 251 2.52 -3.75 33.72
N VAL A 252 3.20 -4.45 32.81
CA VAL A 252 3.55 -5.85 33.05
C VAL A 252 4.58 -5.97 34.18
N GLU A 253 5.62 -5.14 34.14
CA GLU A 253 6.70 -5.25 35.11
C GLU A 253 6.21 -4.95 36.52
N SER A 254 5.73 -3.73 36.75
CA SER A 254 5.24 -3.31 38.07
C SER A 254 3.79 -3.74 38.21
N GLU A 255 3.54 -4.68 39.12
CA GLU A 255 2.18 -5.18 39.34
C GLU A 255 1.29 -4.11 39.97
N VAL A 256 1.82 -3.35 40.93
CA VAL A 256 1.03 -2.34 41.62
C VAL A 256 0.84 -1.13 40.71
N HIS A 257 -0.36 -0.54 40.77
CA HIS A 257 -0.69 0.62 39.95
C HIS A 257 -0.88 1.84 40.84
N PRO A 258 -0.12 2.90 40.65
CA PRO A 258 -0.32 4.11 41.46
C PRO A 258 -1.63 4.80 41.13
N GLU A 259 -2.04 5.69 42.03
CA GLU A 259 -3.32 6.37 41.89
C GLU A 259 -3.34 7.28 40.65
N ILE A 260 -2.24 7.97 40.38
CA ILE A 260 -2.13 8.89 39.26
C ILE A 260 -1.06 8.37 38.31
N SER A 261 -1.39 8.25 37.03
CA SER A 261 -0.42 7.81 36.03
C SER A 261 0.63 8.88 35.81
N ILE A 262 1.85 8.42 35.50
CA ILE A 262 2.99 9.33 35.41
C ILE A 262 2.88 10.23 34.19
N GLU A 263 2.34 9.72 33.08
CA GLU A 263 2.34 10.48 31.83
C GLU A 263 1.00 10.38 31.10
N ASP A 264 -0.10 10.22 31.83
CA ASP A 264 -1.41 10.20 31.18
C ASP A 264 -1.81 11.59 30.71
N TYR A 265 -1.42 12.63 31.46
CA TYR A 265 -1.75 13.99 31.07
C TYR A 265 -1.05 14.40 29.78
N ASP A 266 0.21 13.99 29.61
CA ASP A 266 0.94 14.31 28.39
C ASP A 266 0.33 13.61 27.18
N ASP A 267 -0.03 12.34 27.32
CA ASP A 267 -0.54 11.53 26.22
C ASP A 267 -1.83 10.82 26.64
N PRO A 268 -2.96 11.54 26.67
CA PRO A 268 -4.23 10.88 27.01
C PRO A 268 -4.65 9.80 26.01
N TRP A 269 -4.33 10.01 24.72
CA TRP A 269 -4.75 9.12 23.63
C TRP A 269 -4.35 7.67 23.87
N LEU A 270 -3.29 7.45 24.65
CA LEU A 270 -2.79 6.14 25.06
C LEU A 270 -3.91 5.23 25.52
N ASN A 271 -4.91 5.79 26.23
CA ASN A 271 -5.99 4.96 26.74
C ASN A 271 -6.86 4.41 25.62
N VAL A 272 -7.16 5.22 24.61
CA VAL A 272 -8.18 4.86 23.63
C VAL A 272 -7.69 3.76 22.69
N SER A 273 -6.44 3.84 22.23
CA SER A 273 -5.95 2.96 21.19
C SER A 273 -5.80 1.52 21.71
N ALA A 274 -5.82 0.58 20.76
CA ALA A 274 -5.73 -0.84 21.10
C ALA A 274 -5.06 -1.59 19.96
N LEU A 275 -4.55 -2.77 20.27
CA LEU A 275 -3.86 -3.60 19.28
C LEU A 275 -4.88 -4.39 18.44
N ASN A 276 -4.38 -4.90 17.31
CA ASN A 276 -5.24 -5.51 16.30
C ASN A 276 -5.59 -6.95 16.60
N SER A 277 -4.70 -7.70 17.26
CA SER A 277 -4.94 -9.12 17.51
C SER A 277 -6.21 -9.31 18.34
N LEU A 278 -6.97 -10.36 18.01
CA LEU A 278 -8.32 -10.52 18.53
C LEU A 278 -8.35 -10.64 20.04
N LYS A 279 -7.28 -11.17 20.65
CA LYS A 279 -7.20 -11.23 22.10
C LYS A 279 -7.13 -9.84 22.72
N ASP A 280 -6.34 -8.94 22.11
CA ASP A 280 -6.25 -7.57 22.61
C ASP A 280 -7.57 -6.82 22.43
N VAL A 281 -8.23 -7.02 21.28
CA VAL A 281 -9.53 -6.40 21.04
C VAL A 281 -10.55 -6.91 22.05
N ALA A 282 -10.52 -8.22 22.34
CA ALA A 282 -11.46 -8.80 23.29
C ALA A 282 -11.23 -8.28 24.70
N LYS A 283 -9.97 -8.21 25.14
CA LYS A 283 -9.72 -7.71 26.49
C LYS A 283 -9.97 -6.21 26.60
N PHE A 284 -9.80 -5.47 25.51
CA PHE A 284 -10.09 -4.04 25.53
C PHE A 284 -11.58 -3.79 25.58
N HIS A 285 -12.32 -4.25 24.56
CA HIS A 285 -13.73 -3.92 24.45
C HIS A 285 -14.61 -4.68 25.43
N CYS A 286 -14.38 -5.99 25.58
CA CYS A 286 -15.28 -6.85 26.33
C CYS A 286 -14.69 -7.41 27.61
N LYS A 287 -13.42 -7.10 27.92
CA LYS A 287 -12.78 -7.48 29.18
C LYS A 287 -12.75 -8.99 29.37
N ILE A 288 -12.47 -9.73 28.29
CA ILE A 288 -12.48 -11.19 28.30
C ILE A 288 -11.08 -11.68 28.00
N ASP A 289 -10.58 -12.60 28.82
CA ASP A 289 -9.26 -13.19 28.64
C ASP A 289 -9.38 -14.51 27.91
N LEU A 290 -8.54 -14.71 26.90
CA LEU A 290 -8.49 -15.95 26.13
C LEU A 290 -7.08 -16.53 26.22
N ASP A 291 -6.99 -17.79 26.65
CA ASP A 291 -5.72 -18.51 26.60
C ASP A 291 -5.52 -19.12 25.22
N LYS A 292 -4.26 -19.13 24.78
CA LYS A 292 -3.88 -19.79 23.54
C LYS A 292 -2.77 -20.80 23.84
N THR A 293 -3.20 -22.01 24.20
CA THR A 293 -2.30 -23.13 24.44
C THR A 293 -2.49 -24.25 23.44
N ASP A 294 -3.69 -24.38 22.88
CA ASP A 294 -4.05 -25.49 22.02
C ASP A 294 -3.35 -25.46 20.66
N ARG A 295 -2.75 -24.33 20.27
CA ARG A 295 -2.16 -24.21 18.94
C ARG A 295 -0.99 -25.17 18.72
N ASP A 296 -0.40 -25.69 19.78
CA ASP A 296 0.64 -26.69 19.62
C ASP A 296 0.08 -28.05 19.18
N PHE A 297 -1.14 -28.38 19.61
CA PHE A 297 -1.72 -29.68 19.25
C PHE A 297 -1.89 -29.82 17.74
N PHE A 298 -2.24 -28.74 17.05
CA PHE A 298 -2.38 -28.79 15.61
C PHE A 298 -1.04 -28.69 14.89
N ALA A 299 0.08 -28.64 15.61
CA ALA A 299 1.38 -28.79 14.99
C ALA A 299 1.81 -30.24 14.87
N SER A 300 1.12 -31.15 15.56
CA SER A 300 1.54 -32.56 15.59
C SER A 300 1.35 -33.20 14.22
N THR A 301 2.30 -34.06 13.86
CA THR A 301 2.30 -34.74 12.57
C THR A 301 1.65 -36.10 12.62
N ASP A 302 0.77 -36.36 13.60
CA ASP A 302 0.08 -37.63 13.72
C ASP A 302 -1.41 -37.37 13.87
N LYS A 303 -2.22 -38.05 13.05
CA LYS A 303 -3.67 -37.94 13.17
C LYS A 303 -4.19 -38.63 14.41
N SER A 304 -3.40 -39.52 15.03
CA SER A 304 -3.86 -40.23 16.22
C SER A 304 -4.04 -39.29 17.40
N THR A 305 -3.17 -38.29 17.52
CA THR A 305 -3.27 -37.35 18.64
C THR A 305 -4.53 -36.50 18.56
N ILE A 306 -5.06 -36.27 17.36
CA ILE A 306 -6.27 -35.49 17.21
C ILE A 306 -7.47 -36.26 17.75
N ILE A 307 -7.41 -37.60 17.75
CA ILE A 307 -8.53 -38.41 18.24
C ILE A 307 -8.76 -38.16 19.72
N GLU A 308 -7.69 -38.12 20.51
CA GLU A 308 -7.84 -37.64 21.88
C GLU A 308 -7.94 -36.13 21.90
N ASN A 309 -8.37 -35.60 23.04
CA ASN A 309 -8.52 -34.16 23.26
C ASN A 309 -9.49 -33.51 22.28
N PHE A 310 -10.41 -34.31 21.75
CA PHE A 310 -11.38 -33.80 20.78
C PHE A 310 -12.33 -32.81 21.44
N GLN A 311 -12.81 -33.14 22.63
CA GLN A 311 -13.75 -32.30 23.35
C GLN A 311 -13.15 -30.94 23.68
N LYS A 312 -11.90 -30.93 24.14
CA LYS A 312 -11.24 -29.69 24.52
C LYS A 312 -11.04 -28.76 23.31
N LEU A 313 -10.62 -29.33 22.18
CA LEU A 313 -10.42 -28.52 20.98
C LEU A 313 -11.73 -27.94 20.48
N VAL A 314 -12.80 -28.75 20.50
CA VAL A 314 -14.10 -28.24 20.05
C VAL A 314 -14.59 -27.12 20.97
N ASN A 315 -14.43 -27.29 22.29
CA ASN A 315 -14.86 -26.27 23.23
C ASN A 315 -14.05 -24.98 23.06
N TYR A 316 -12.75 -25.10 22.80
CA TYR A 316 -11.92 -23.92 22.57
C TYR A 316 -12.39 -23.16 21.33
N CYS A 317 -12.69 -23.88 20.25
CA CYS A 317 -13.17 -23.21 19.04
C CYS A 317 -14.51 -22.52 19.28
N ALA A 318 -15.39 -23.16 20.04
CA ALA A 318 -16.68 -22.53 20.37
C ALA A 318 -16.48 -21.28 21.21
N THR A 319 -15.49 -21.29 22.11
CA THR A 319 -15.20 -20.10 22.91
C THR A 319 -14.72 -18.96 22.03
N ASP A 320 -13.89 -19.26 21.03
CA ASP A 320 -13.49 -18.23 20.07
C ASP A 320 -14.69 -17.66 19.33
N VAL A 321 -15.64 -18.52 18.94
CA VAL A 321 -16.85 -18.05 18.27
C VAL A 321 -17.63 -17.08 19.15
N THR A 322 -17.82 -17.44 20.42
CA THR A 322 -18.55 -16.59 21.35
C THR A 322 -17.87 -15.24 21.54
N ALA A 323 -16.53 -15.25 21.69
CA ALA A 323 -15.79 -14.00 21.84
C ALA A 323 -15.96 -13.10 20.63
N THR A 324 -15.86 -13.68 19.43
CA THR A 324 -16.02 -12.89 18.20
C THR A 324 -17.39 -12.25 18.11
N SER A 325 -18.43 -13.01 18.49
CA SER A 325 -19.79 -12.47 18.45
C SER A 325 -19.94 -11.27 19.39
N GLN A 326 -19.47 -11.43 20.63
CA GLN A 326 -19.63 -10.32 21.59
C GLN A 326 -18.77 -9.12 21.22
N VAL A 327 -17.66 -9.33 20.52
CA VAL A 327 -16.86 -8.19 20.06
C VAL A 327 -17.58 -7.44 18.95
N PHE A 328 -18.18 -8.17 18.00
CA PHE A 328 -18.88 -7.53 16.89
C PHE A 328 -20.06 -6.71 17.38
N ASP A 329 -20.77 -7.22 18.41
CA ASP A 329 -21.90 -6.47 18.97
C ASP A 329 -21.50 -5.07 19.43
N LYS A 330 -20.32 -4.94 20.03
CA LYS A 330 -19.88 -3.62 20.46
C LYS A 330 -19.39 -2.77 19.28
N ILE A 331 -18.68 -3.37 18.33
CA ILE A 331 -18.02 -2.54 17.32
C ILE A 331 -19.01 -1.96 16.31
N PHE A 332 -20.00 -2.75 15.87
CA PHE A 332 -20.77 -2.36 14.68
C PHE A 332 -21.50 -1.01 14.76
N PRO A 333 -22.23 -0.66 15.84
CA PRO A 333 -22.96 0.63 15.82
C PRO A 333 -22.06 1.85 15.68
N VAL A 334 -20.86 1.82 16.25
CA VAL A 334 -19.95 2.96 16.16
C VAL A 334 -19.47 3.14 14.73
N PHE A 335 -19.20 2.03 14.04
CA PHE A 335 -18.87 2.12 12.61
C PHE A 335 -20.02 2.69 11.81
N LEU A 336 -21.26 2.31 12.14
CA LEU A 336 -22.39 2.90 11.44
C LEU A 336 -22.51 4.40 11.72
N LYS A 337 -22.17 4.82 12.94
CA LYS A 337 -22.25 6.24 13.28
C LYS A 337 -21.18 7.06 12.56
N LYS A 338 -19.97 6.53 12.45
CA LYS A 338 -18.90 7.29 11.80
C LYS A 338 -19.11 7.44 10.30
N CYS A 339 -19.54 6.37 9.62
CA CYS A 339 -19.70 6.36 8.17
C CYS A 339 -21.15 6.04 7.83
N PRO A 340 -22.02 7.05 7.71
CA PRO A 340 -23.44 6.79 7.48
C PRO A 340 -23.87 6.70 6.02
N HIS A 341 -22.99 6.93 5.06
CA HIS A 341 -23.39 6.86 3.66
C HIS A 341 -23.38 5.40 3.18
N PRO A 342 -24.41 4.99 2.45
CA PRO A 342 -24.50 3.57 2.01
C PRO A 342 -23.41 3.15 1.04
N VAL A 343 -22.78 4.10 0.34
CA VAL A 343 -21.81 3.77 -0.69
C VAL A 343 -20.60 3.09 -0.07
N SER A 344 -20.22 3.47 1.14
CA SER A 344 -19.09 2.81 1.82
C SER A 344 -19.39 1.34 2.09
N PHE A 345 -20.60 1.04 2.56
CA PHE A 345 -20.97 -0.34 2.84
C PHE A 345 -21.01 -1.16 1.56
N ALA A 346 -21.58 -0.60 0.50
CA ALA A 346 -21.62 -1.31 -0.78
C ALA A 346 -20.21 -1.55 -1.33
N GLY A 347 -19.32 -0.56 -1.19
CA GLY A 347 -17.96 -0.72 -1.66
C GLY A 347 -17.19 -1.76 -0.86
N LEU A 348 -17.43 -1.83 0.44
CA LEU A 348 -16.81 -2.88 1.26
C LEU A 348 -17.27 -4.26 0.80
N LYS A 349 -18.57 -4.41 0.54
CA LYS A 349 -19.08 -5.68 0.04
C LYS A 349 -18.44 -6.03 -1.30
N SER A 350 -18.25 -5.04 -2.17
CA SER A 350 -17.62 -5.31 -3.46
C SER A 350 -16.16 -5.71 -3.30
N LEU A 351 -15.43 -5.05 -2.40
CA LEU A 351 -14.01 -5.34 -2.21
C LEU A 351 -13.76 -6.67 -1.51
N SER A 352 -14.75 -7.21 -0.80
CA SER A 352 -14.52 -8.45 -0.06
C SER A 352 -14.21 -9.63 -0.97
N LYS A 353 -14.84 -9.71 -2.14
CA LYS A 353 -14.76 -10.90 -2.99
C LYS A 353 -13.79 -10.69 -4.16
N CYS A 354 -12.87 -11.63 -4.32
CA CYS A 354 -11.88 -11.62 -5.40
C CYS A 354 -11.50 -13.06 -5.73
N ILE A 355 -10.95 -13.24 -6.94
CA ILE A 355 -10.55 -14.56 -7.42
C ILE A 355 -9.39 -14.40 -8.39
N LEU A 356 -8.48 -15.37 -8.42
CA LEU A 356 -7.40 -15.40 -9.40
C LEU A 356 -7.38 -16.74 -10.11
N PRO A 357 -7.52 -16.78 -11.44
CA PRO A 357 -7.33 -18.04 -12.17
C PRO A 357 -5.90 -18.22 -12.66
N THR A 358 -5.48 -19.49 -12.71
CA THR A 358 -4.11 -19.83 -13.11
C THR A 358 -4.07 -21.29 -13.54
N LYS A 359 -2.86 -21.81 -13.74
CA LYS A 359 -2.63 -23.20 -14.10
C LYS A 359 -1.58 -23.79 -13.16
N LEU A 360 -1.63 -25.11 -12.98
CA LEU A 360 -0.84 -25.77 -11.94
C LEU A 360 0.60 -26.05 -12.39
N ASN A 361 0.74 -26.71 -13.55
CA ASN A 361 2.05 -27.11 -14.04
C ASN A 361 2.92 -25.89 -14.32
N ASP A 362 2.32 -24.82 -14.82
CA ASP A 362 3.05 -23.57 -15.04
C ASP A 362 3.62 -23.03 -13.74
N TRP A 363 2.80 -23.05 -12.68
CA TRP A 363 3.23 -22.62 -11.36
C TRP A 363 4.43 -23.43 -10.88
N ASN A 364 4.34 -24.75 -11.01
CA ASN A 364 5.42 -25.62 -10.54
C ASN A 364 6.70 -25.36 -11.32
N ASP A 365 6.60 -25.21 -12.63
CA ASP A 365 7.77 -24.95 -13.47
C ASP A 365 8.46 -23.64 -13.07
N TYR A 366 7.65 -22.60 -12.87
CA TYR A 366 8.16 -21.31 -12.42
C TYR A 366 8.96 -21.43 -11.12
N LEU A 367 8.36 -22.09 -10.12
CA LEU A 367 9.04 -22.25 -8.83
C LEU A 367 10.36 -23.00 -8.98
N ASN A 368 10.32 -24.12 -9.71
CA ASN A 368 11.52 -24.96 -9.86
C ASN A 368 12.65 -24.19 -10.52
N SER A 369 12.34 -23.50 -11.63
CA SER A 369 13.37 -22.77 -12.36
C SER A 369 14.01 -21.69 -11.50
N SER A 370 13.19 -20.89 -10.83
CA SER A 370 13.74 -19.80 -10.02
C SER A 370 14.63 -20.33 -8.90
N GLU A 371 14.17 -21.36 -8.19
CA GLU A 371 14.95 -21.89 -7.07
C GLU A 371 16.29 -22.47 -7.53
N SER A 372 16.27 -23.24 -8.62
CA SER A 372 17.49 -23.87 -9.11
C SER A 372 18.52 -22.83 -9.52
N LEU A 373 18.09 -21.81 -10.30
CA LEU A 373 19.04 -20.78 -10.71
C LEU A 373 19.61 -20.02 -9.53
N TYR A 374 18.78 -19.71 -8.52
CA TYR A 374 19.26 -18.96 -7.36
C TYR A 374 20.35 -19.73 -6.61
N GLN A 375 20.10 -21.01 -6.30
CA GLN A 375 21.09 -21.79 -5.56
C GLN A 375 22.38 -21.96 -6.35
N GLN A 376 22.27 -22.25 -7.65
CA GLN A 376 23.45 -22.46 -8.48
C GLN A 376 24.29 -21.19 -8.59
N SER A 377 23.64 -20.03 -8.61
CA SER A 377 24.40 -18.77 -8.61
C SER A 377 25.15 -18.57 -7.31
N LYS A 378 24.52 -18.90 -6.17
CA LYS A 378 25.11 -18.60 -4.87
C LYS A 378 26.38 -19.43 -4.58
N VAL A 379 26.33 -20.73 -4.92
CA VAL A 379 27.35 -21.67 -4.45
C VAL A 379 28.75 -21.29 -4.96
N GLN A 380 28.84 -20.91 -6.23
CA GLN A 380 30.14 -20.71 -6.86
C GLN A 380 30.94 -19.56 -6.23
N ILE A 381 30.28 -18.43 -5.96
CA ILE A 381 30.99 -17.29 -5.38
C ILE A 381 31.39 -17.60 -3.94
N GLU A 382 30.53 -18.34 -3.20
CA GLU A 382 30.96 -18.71 -1.86
C GLU A 382 32.22 -19.60 -1.88
N SER A 383 32.27 -20.55 -2.81
CA SER A 383 33.46 -21.40 -2.92
C SER A 383 34.70 -20.58 -3.26
N LYS A 384 34.56 -19.63 -4.21
CA LYS A 384 35.68 -18.76 -4.57
C LYS A 384 36.25 -18.04 -3.37
N ILE A 385 35.41 -17.59 -2.45
CA ILE A 385 35.97 -16.81 -1.35
C ILE A 385 36.61 -17.73 -0.29
N VAL A 386 36.02 -18.93 -0.08
CA VAL A 386 36.61 -19.87 0.89
C VAL A 386 38.04 -20.26 0.47
N GLN A 387 38.24 -20.45 -0.84
CA GLN A 387 39.52 -20.95 -1.30
C GLN A 387 40.65 -19.98 -0.96
N ILE A 388 40.41 -18.67 -1.05
CA ILE A 388 41.48 -17.75 -0.70
C ILE A 388 41.64 -17.65 0.81
N ILE A 389 40.55 -17.85 1.58
CA ILE A 389 40.73 -17.78 3.03
C ILE A 389 41.63 -18.90 3.55
N LYS A 390 41.62 -20.06 2.89
CA LYS A 390 42.44 -21.18 3.39
C LYS A 390 43.93 -20.83 3.44
N ASP A 391 44.46 -20.15 2.41
CA ASP A 391 45.89 -19.87 2.37
C ASP A 391 46.28 -18.89 3.48
N ILE A 392 45.46 -17.86 3.72
CA ILE A 392 45.73 -16.92 4.80
C ILE A 392 45.67 -17.63 6.15
N ALA A 393 44.83 -18.67 6.25
CA ALA A 393 44.74 -19.43 7.50
C ALA A 393 46.04 -20.14 7.85
N LEU A 394 46.84 -20.50 6.85
CA LEU A 394 48.11 -21.18 7.08
C LEU A 394 49.28 -20.22 7.18
N LEU A 395 49.05 -18.92 6.99
CA LEU A 395 50.11 -17.93 6.92
C LEU A 395 50.51 -17.36 8.28
N LYS A 396 50.23 -18.07 9.38
CA LYS A 396 50.74 -17.61 10.67
C LYS A 396 52.26 -17.64 10.70
N ASP A 397 52.84 -18.71 10.19
CA ASP A 397 54.29 -18.84 10.14
C ASP A 397 54.86 -17.82 9.17
N LYS A 398 56.13 -17.45 9.40
CA LYS A 398 56.78 -16.30 8.78
C LYS A 398 55.94 -15.05 9.01
N PRO A 399 55.88 -14.53 10.24
CA PRO A 399 54.96 -13.41 10.53
C PRO A 399 55.27 -12.13 9.79
N ASP A 400 56.52 -11.94 9.33
CA ASP A 400 56.90 -10.72 8.64
C ASP A 400 56.08 -10.48 7.38
N PHE A 401 55.66 -11.57 6.71
CA PHE A 401 54.94 -11.45 5.44
C PHE A 401 53.61 -10.72 5.63
N TYR A 402 52.80 -11.15 6.60
CA TYR A 402 51.58 -10.38 6.84
C TYR A 402 51.88 -9.10 7.60
N LEU A 403 53.02 -9.03 8.28
CA LEU A 403 53.36 -7.84 9.04
C LEU A 403 53.54 -6.63 8.12
N LYS A 404 54.15 -6.84 6.95
CA LYS A 404 54.43 -5.70 6.08
C LYS A 404 53.17 -5.16 5.40
N ASP A 405 52.32 -6.05 4.89
CA ASP A 405 51.18 -5.63 4.06
C ASP A 405 50.11 -4.95 4.91
N PRO A 406 49.71 -3.71 4.60
CA PRO A 406 48.79 -2.98 5.51
C PRO A 406 47.44 -3.65 5.72
N TRP A 407 46.83 -4.19 4.67
CA TRP A 407 45.62 -4.99 4.85
C TRP A 407 45.89 -6.23 5.68
N LEU A 408 46.99 -6.91 5.40
CA LEU A 408 47.36 -8.09 6.20
C LEU A 408 47.76 -7.68 7.62
N SER A 409 48.38 -6.51 7.76
CA SER A 409 48.72 -6.01 9.09
C SER A 409 47.46 -5.69 9.90
N GLN A 410 46.38 -5.26 9.24
CA GLN A 410 45.16 -4.94 9.95
C GLN A 410 44.55 -6.18 10.60
N LEU A 411 44.79 -7.36 10.03
CA LEU A 411 44.32 -8.61 10.64
C LEU A 411 45.03 -8.87 11.95
N ASP A 412 44.30 -9.43 12.91
CA ASP A 412 44.82 -9.72 14.24
C ASP A 412 45.27 -11.18 14.29
N TRP A 413 46.55 -11.40 14.59
CA TRP A 413 47.16 -12.72 14.49
C TRP A 413 47.50 -13.33 15.85
N THR A 414 46.76 -12.97 16.90
CA THR A 414 47.00 -13.56 18.21
C THR A 414 46.41 -14.96 18.27
N THR A 415 46.91 -15.76 19.22
CA THR A 415 46.44 -17.11 19.44
C THR A 415 46.08 -17.30 20.91
N LYS A 416 45.18 -18.28 21.15
CA LYS A 416 44.62 -18.66 22.44
C LYS A 416 45.33 -19.90 22.97
N PRO A 417 45.86 -19.88 24.19
CA PRO A 417 46.64 -21.02 24.69
C PRO A 417 45.75 -22.20 25.07
N LEU A 418 46.41 -23.29 25.48
CA LEU A 418 45.77 -24.55 25.80
C LEU A 418 45.62 -24.70 27.31
N ARG A 419 44.49 -25.28 27.73
CA ARG A 419 44.19 -25.50 29.14
C ARG A 419 44.50 -26.93 29.56
N LEU A 420 44.86 -27.07 30.84
CA LEU A 420 45.09 -28.36 31.48
C LEU A 420 44.36 -28.36 32.81
N THR A 421 43.62 -29.43 33.08
CA THR A 421 42.84 -29.56 34.32
C THR A 421 43.37 -30.77 35.10
N LYS A 422 43.76 -30.54 36.35
CA LYS A 422 44.53 -31.50 37.14
C LYS A 422 45.77 -31.97 36.38
N LYS A 423 46.44 -31.01 35.75
CA LYS A 423 47.62 -31.22 34.90
C LYS A 423 47.33 -32.11 33.69
N GLY A 424 46.06 -32.21 33.31
CA GLY A 424 45.68 -32.93 32.11
C GLY A 424 44.72 -32.12 31.28
N VAL A 425 44.85 -32.22 29.97
CA VAL A 425 44.05 -31.38 29.07
C VAL A 425 42.59 -31.78 29.18
N PRO A 426 41.67 -30.84 29.46
CA PRO A 426 40.24 -31.20 29.45
C PRO A 426 39.75 -31.65 28.08
N ALA A 427 40.25 -31.04 27.01
CA ALA A 427 39.75 -31.23 25.64
C ALA A 427 38.23 -30.96 25.57
N LYS A 428 37.75 -30.09 26.44
CA LYS A 428 36.33 -29.76 26.54
C LYS A 428 36.17 -28.26 26.40
N CYS A 429 35.13 -27.87 25.65
CA CYS A 429 34.84 -26.47 25.35
C CYS A 429 36.02 -25.78 24.69
N GLN A 430 36.73 -26.50 23.83
CA GLN A 430 37.84 -25.94 23.07
C GLN A 430 37.44 -25.93 21.59
N LYS A 431 37.50 -24.74 20.98
CA LYS A 431 37.12 -24.61 19.58
C LYS A 431 38.09 -25.37 18.69
N LEU A 432 39.34 -24.92 18.64
CA LEU A 432 40.42 -25.51 17.88
C LEU A 432 41.70 -25.24 18.65
N PRO A 433 42.69 -26.17 18.63
CA PRO A 433 43.91 -25.96 19.42
C PRO A 433 44.97 -25.17 18.66
N GLY A 434 45.26 -23.97 19.18
CA GLY A 434 46.39 -23.17 18.69
C GLY A 434 46.30 -22.70 17.26
N PHE A 435 45.11 -22.41 16.77
CA PHE A 435 44.81 -21.88 15.45
C PHE A 435 44.49 -20.38 15.54
N PRO A 436 44.53 -19.63 14.43
CA PRO A 436 44.37 -18.18 14.50
C PRO A 436 43.03 -17.77 15.09
N GLU A 437 43.05 -16.67 15.86
CA GLU A 437 41.85 -16.20 16.54
C GLU A 437 40.81 -15.71 15.55
N TRP A 438 41.23 -15.13 14.41
CA TRP A 438 40.25 -14.69 13.43
C TRP A 438 39.57 -15.87 12.77
N TYR A 439 40.30 -16.97 12.59
CA TYR A 439 39.75 -18.16 11.96
C TYR A 439 38.77 -18.88 12.87
N ARG A 440 38.96 -18.79 14.19
CA ARG A 440 38.05 -19.43 15.13
C ARG A 440 36.67 -18.80 15.09
N GLN A 441 36.60 -17.48 14.88
CA GLN A 441 35.34 -16.77 14.92
C GLN A 441 34.42 -17.21 13.77
N LEU A 442 35.02 -17.55 12.63
CA LEU A 442 34.24 -17.99 11.46
C LEU A 442 33.38 -19.21 11.78
N PHE A 443 33.90 -20.13 12.59
CA PHE A 443 33.15 -21.31 12.96
C PHE A 443 32.14 -20.95 14.05
N PRO A 444 30.84 -21.12 13.81
CA PRO A 444 29.86 -20.93 14.90
C PRO A 444 29.83 -22.09 15.89
N SER A 445 30.35 -23.25 15.52
CA SER A 445 30.35 -24.41 16.38
C SER A 445 31.63 -25.21 16.15
N LYS A 446 31.94 -26.06 17.13
CA LYS A 446 33.08 -26.97 17.00
C LYS A 446 32.91 -27.92 15.83
N ASP A 447 31.70 -28.44 15.67
CA ASP A 447 31.44 -29.53 14.73
C ASP A 447 31.62 -29.07 13.28
N THR A 448 31.42 -27.78 13.04
CA THR A 448 31.58 -27.22 11.70
C THR A 448 33.00 -27.42 11.18
N VAL A 449 33.12 -27.96 9.98
CA VAL A 449 34.41 -28.33 9.42
C VAL A 449 34.94 -27.26 8.47
N GLU A 450 34.07 -26.66 7.67
CA GLU A 450 34.51 -25.67 6.70
C GLU A 450 34.08 -24.27 7.13
N PRO A 451 34.88 -23.24 6.86
CA PRO A 451 34.51 -21.89 7.28
C PRO A 451 33.23 -21.39 6.61
N LYS A 452 32.43 -20.64 7.38
CA LYS A 452 31.15 -20.11 6.92
C LYS A 452 31.31 -18.63 6.59
N ILE A 453 31.41 -18.34 5.31
CA ILE A 453 31.70 -17.01 4.78
C ILE A 453 30.67 -16.70 3.70
N THR A 454 30.24 -15.45 3.65
CA THR A 454 29.09 -15.07 2.85
C THR A 454 29.27 -13.62 2.45
N ILE A 455 28.70 -13.23 1.30
CA ILE A 455 28.68 -11.82 0.93
C ILE A 455 27.91 -11.07 2.02
N LYS A 456 28.28 -9.79 2.21
CA LYS A 456 27.87 -8.83 3.24
C LYS A 456 28.58 -9.08 4.56
N SER A 457 29.48 -10.06 4.65
CA SER A 457 30.32 -10.19 5.82
C SER A 457 31.32 -9.02 5.88
N ARG A 458 31.64 -8.61 7.10
CA ARG A 458 32.45 -7.40 7.28
C ARG A 458 33.90 -7.62 6.85
N ILE A 459 34.35 -8.86 6.76
CA ILE A 459 35.78 -9.13 6.58
C ILE A 459 36.18 -9.26 5.11
N ILE A 460 35.26 -9.57 4.21
CA ILE A 460 35.60 -9.80 2.80
C ILE A 460 36.09 -8.55 2.04
N PRO A 461 35.77 -7.30 2.41
CA PRO A 461 36.49 -6.18 1.78
C PRO A 461 37.97 -6.14 2.13
N ILE A 462 38.41 -6.92 3.13
CA ILE A 462 39.83 -7.08 3.38
C ILE A 462 40.39 -8.23 2.55
N LEU A 463 39.62 -9.31 2.39
CA LEU A 463 40.11 -10.49 1.66
C LEU A 463 40.38 -10.16 0.20
N PHE A 464 39.42 -9.54 -0.47
CA PHE A 464 39.69 -8.89 -1.72
C PHE A 464 40.18 -7.51 -1.33
N LYS A 465 41.39 -7.16 -1.75
CA LYS A 465 41.87 -5.84 -1.40
C LYS A 465 41.04 -4.86 -2.23
N LEU A 466 40.67 -3.72 -1.66
CA LEU A 466 40.04 -2.68 -2.45
C LEU A 466 40.57 -1.32 -2.01
N SER A 467 40.57 -0.35 -2.91
CA SER A 467 41.11 0.96 -2.58
C SER A 467 40.15 2.06 -3.00
N TRP A 468 40.27 3.21 -2.35
CA TRP A 468 39.49 4.39 -2.70
C TRP A 468 40.49 5.49 -2.99
N GLU A 469 40.42 6.03 -4.21
CA GLU A 469 41.35 7.06 -4.69
C GLU A 469 42.80 6.58 -4.60
N ASN A 470 42.99 5.29 -4.90
CA ASN A 470 44.28 4.62 -4.80
C ASN A 470 44.87 4.77 -3.40
N SER A 471 44.01 4.60 -2.39
CA SER A 471 44.41 4.64 -1.00
C SER A 471 43.78 3.44 -0.28
N PRO A 472 44.55 2.70 0.51
CA PRO A 472 43.98 1.57 1.25
C PRO A 472 42.95 2.03 2.27
N VAL A 473 41.96 1.18 2.49
CA VAL A 473 40.91 1.46 3.47
C VAL A 473 41.33 0.94 4.84
N ILE A 474 40.91 1.65 5.88
CA ILE A 474 41.18 1.29 7.26
C ILE A 474 39.88 1.46 8.03
N TRP A 475 39.56 0.51 8.89
CA TRP A 475 38.34 0.58 9.69
C TRP A 475 38.64 1.27 11.02
N SER A 476 37.68 2.06 11.48
CA SER A 476 37.75 2.71 12.78
C SER A 476 36.45 2.46 13.55
N LYS A 477 36.50 2.70 14.86
CA LYS A 477 35.35 2.42 15.70
C LYS A 477 34.21 3.40 15.43
N GLU A 478 34.50 4.71 15.43
CA GLU A 478 33.44 5.69 15.24
C GLU A 478 33.00 5.78 13.79
N SER A 479 33.95 5.83 12.85
CA SER A 479 33.66 5.93 11.44
C SER A 479 34.00 4.59 10.77
N GLY A 480 33.05 4.08 9.99
CA GLY A 480 33.17 2.78 9.35
C GLY A 480 34.44 2.57 8.56
N TRP A 481 34.60 3.28 7.45
CA TRP A 481 35.76 3.12 6.59
C TRP A 481 36.39 4.49 6.33
N CYS A 482 37.73 4.53 6.39
CA CYS A 482 38.46 5.77 6.18
C CYS A 482 39.70 5.48 5.37
N PHE A 483 40.04 6.41 4.48
CA PHE A 483 41.24 6.34 3.67
C PHE A 483 42.20 7.43 4.11
N ASN A 484 43.47 7.07 4.29
CA ASN A 484 44.45 8.04 4.76
C ASN A 484 44.83 9.00 3.64
N VAL A 485 44.91 10.28 3.99
CA VAL A 485 45.24 11.35 3.05
C VAL A 485 46.43 12.10 3.63
N PRO A 486 47.47 12.38 2.84
CA PRO A 486 48.61 13.14 3.36
C PRO A 486 48.22 14.55 3.76
N HIS A 487 49.05 15.15 4.62
CA HIS A 487 48.75 16.47 5.16
C HIS A 487 48.68 17.53 4.08
N GLU A 488 49.62 17.49 3.13
CA GLU A 488 49.75 18.56 2.13
C GLU A 488 48.50 18.73 1.30
N GLN A 489 47.71 17.67 1.13
CA GLN A 489 46.51 17.71 0.31
C GLN A 489 45.22 17.80 1.12
N VAL A 490 45.31 18.00 2.45
CA VAL A 490 44.11 17.89 3.28
C VAL A 490 43.06 18.93 2.87
N GLU A 491 43.49 20.18 2.68
CA GLU A 491 42.58 21.23 2.23
C GLU A 491 42.03 20.91 0.85
N THR A 492 42.86 20.29 0.00
CA THR A 492 42.39 19.86 -1.31
C THR A 492 41.24 18.88 -1.19
N TYR A 493 41.35 17.93 -0.25
CA TYR A 493 40.23 17.01 -0.02
C TYR A 493 39.07 17.74 0.65
N LYS A 494 39.35 18.82 1.37
CA LYS A 494 38.28 19.69 1.83
C LYS A 494 37.66 20.45 0.67
N ALA A 495 38.47 20.75 -0.36
CA ALA A 495 37.93 21.36 -1.58
C ALA A 495 37.05 20.37 -2.33
N LYS A 496 37.42 19.09 -2.32
CA LYS A 496 36.64 18.05 -2.98
C LYS A 496 35.40 17.65 -2.19
N ASN A 497 35.13 18.35 -1.08
CA ASN A 497 33.97 18.18 -0.19
C ASN A 497 34.06 16.90 0.64
N TYR A 498 35.21 16.22 0.64
CA TYR A 498 35.42 15.09 1.54
C TYR A 498 35.45 15.58 2.98
N VAL A 499 34.76 14.87 3.86
CA VAL A 499 34.61 15.29 5.25
C VAL A 499 35.74 14.68 6.07
N LEU A 500 36.26 15.46 7.02
CA LEU A 500 37.35 15.02 7.87
C LEU A 500 36.86 14.06 8.94
N ALA A 501 37.76 13.17 9.36
CA ALA A 501 37.41 12.17 10.36
C ALA A 501 37.28 12.81 11.74
N ASP A 502 36.60 12.11 12.63
CA ASP A 502 36.39 12.60 13.99
C ASP A 502 37.71 12.59 14.77
N SER A 503 37.78 13.47 15.77
CA SER A 503 39.02 13.66 16.51
C SER A 503 39.39 12.45 17.35
N VAL A 504 38.39 11.73 17.87
CA VAL A 504 38.66 10.56 18.70
C VAL A 504 39.35 9.47 17.89
N SER A 505 38.85 9.20 16.69
CA SER A 505 39.46 8.21 15.81
C SER A 505 40.85 8.65 15.38
N GLN A 506 41.02 9.94 15.13
CA GLN A 506 42.32 10.49 14.74
C GLN A 506 43.33 10.35 15.88
N GLU A 507 42.87 10.46 17.12
CA GLU A 507 43.75 10.22 18.26
C GLU A 507 44.06 8.74 18.43
N GLU A 508 43.08 7.88 18.13
CA GLU A 508 43.28 6.45 18.36
C GLU A 508 44.21 5.84 17.31
N GLU A 509 44.16 6.32 16.07
CA GLU A 509 44.91 5.68 15.00
C GLU A 509 46.42 5.79 15.18
N GLU A 510 46.87 6.73 16.02
CA GLU A 510 48.30 6.93 16.24
C GLU A 510 48.97 5.70 16.82
N ILE A 511 48.30 4.97 17.71
CA ILE A 511 48.95 3.83 18.34
C ILE A 511 49.17 2.70 17.33
N ARG A 512 48.16 2.42 16.49
CA ARG A 512 48.33 1.39 15.48
C ARG A 512 49.30 1.82 14.40
N MET A 513 49.45 3.13 14.18
CA MET A 513 50.47 3.54 13.22
C MET A 513 51.88 3.42 13.82
N ASN A 514 52.07 3.88 15.06
CA ASN A 514 53.43 3.89 15.63
C ASN A 514 53.90 2.49 16.00
N ASN A 515 52.98 1.56 16.26
CA ASN A 515 53.38 0.16 16.35
C ASN A 515 53.91 -0.30 15.00
N LEU A 516 54.82 -1.28 15.03
CA LEU A 516 55.70 -1.78 13.98
C LEU A 516 56.86 -0.83 13.73
N GLY A 517 56.89 0.35 14.32
CA GLY A 517 57.82 1.38 13.91
C GLY A 517 57.38 2.16 12.70
N LEU A 518 56.18 1.91 12.21
CA LEU A 518 55.62 2.63 11.08
C LEU A 518 55.29 4.06 11.52
N GLN A 519 55.18 4.96 10.54
CA GLN A 519 54.98 6.38 10.80
C GLN A 519 53.69 6.87 10.18
N CYS A 520 53.08 7.87 10.82
CA CYS A 520 51.80 8.44 10.41
C CYS A 520 52.05 9.81 9.80
N THR A 521 51.98 9.89 8.47
CA THR A 521 52.18 11.14 7.75
C THR A 521 50.88 11.70 7.18
N GLY A 522 49.73 11.10 7.53
CA GLY A 522 48.46 11.54 6.98
C GLY A 522 47.35 11.46 8.01
N VAL A 523 46.24 12.09 7.67
CA VAL A 523 45.02 12.09 8.48
C VAL A 523 43.96 11.28 7.75
N LEU A 524 43.11 10.60 8.51
CA LEU A 524 42.08 9.78 7.91
C LEU A 524 40.95 10.64 7.36
N PHE A 525 40.35 10.18 6.26
CA PHE A 525 39.19 10.83 5.67
C PHE A 525 38.09 9.79 5.48
N LYS A 526 36.88 10.10 5.93
CA LYS A 526 35.79 9.15 5.92
C LYS A 526 35.32 8.86 4.51
N VAL A 527 35.05 7.59 4.23
CA VAL A 527 34.40 7.22 2.97
C VAL A 527 32.95 7.70 3.00
N PRO A 528 32.49 8.41 1.98
CA PRO A 528 31.14 9.00 2.04
C PRO A 528 30.05 7.95 1.91
N HIS A 529 29.12 7.98 2.85
CA HIS A 529 27.84 7.30 2.72
C HIS A 529 27.04 8.01 1.63
N PRO A 530 26.03 7.32 1.01
CA PRO A 530 25.13 8.01 0.09
C PRO A 530 24.61 9.36 0.60
N ASN A 531 24.13 9.41 1.84
CA ASN A 531 23.83 10.69 2.47
C ASN A 531 25.13 11.31 2.96
N GLY A 532 25.40 12.53 2.51
CA GLY A 532 26.58 13.27 2.92
C GLY A 532 26.69 13.58 4.40
N PRO A 533 25.68 14.23 5.01
CA PRO A 533 25.83 14.63 6.41
C PRO A 533 25.37 13.60 7.43
N THR A 534 26.19 13.38 8.45
CA THR A 534 25.92 12.55 9.63
C THR A 534 25.42 11.15 9.26
N PHE A 535 26.15 10.50 8.36
CA PHE A 535 25.86 9.11 8.00
C PHE A 535 27.17 8.33 7.90
N ASN A 536 27.11 7.06 8.30
CA ASN A 536 28.28 6.20 8.39
C ASN A 536 28.18 5.08 7.35
N CYS A 537 29.27 4.87 6.61
CA CYS A 537 29.33 3.79 5.63
C CYS A 537 29.64 2.47 6.35
N THR A 538 28.89 1.42 5.99
CA THR A 538 29.05 0.12 6.63
C THR A 538 29.47 -0.96 5.65
N ASN A 539 28.81 -1.06 4.49
CA ASN A 539 29.02 -2.13 3.54
C ASN A 539 29.42 -1.56 2.20
N LEU A 540 30.40 -2.19 1.54
CA LEU A 540 30.94 -1.67 0.29
C LEU A 540 30.33 -2.29 -0.96
N LEU A 541 29.73 -3.47 -0.85
CA LEU A 541 29.17 -4.16 -2.00
C LEU A 541 27.68 -3.85 -2.19
N THR A 542 27.15 -2.91 -1.41
CA THR A 542 25.76 -2.54 -1.44
C THR A 542 25.46 -1.72 -2.70
N LYS A 543 24.18 -1.68 -3.08
CA LYS A 543 23.74 -0.82 -4.16
C LYS A 543 23.95 0.66 -3.78
N SER A 544 24.00 1.50 -4.81
CA SER A 544 24.29 2.94 -4.86
C SER A 544 25.78 3.20 -4.72
N TYR A 545 26.60 2.16 -4.56
CA TYR A 545 28.04 2.30 -4.65
C TYR A 545 28.55 1.87 -6.02
N ASN A 546 27.64 1.53 -6.94
CA ASN A 546 28.02 1.05 -8.26
C ASN A 546 28.57 2.18 -9.13
N HIS A 547 28.07 3.40 -8.96
CA HIS A 547 28.53 4.51 -9.79
C HIS A 547 29.97 4.89 -9.46
N PHE A 548 30.30 4.95 -8.17
CA PHE A 548 31.68 5.19 -7.76
C PHE A 548 32.57 4.06 -8.25
N PHE A 549 32.04 2.85 -8.26
CA PHE A 549 32.73 1.67 -8.75
C PHE A 549 32.96 1.82 -10.25
N GLU A 550 34.14 1.43 -10.71
CA GLU A 550 34.59 1.50 -12.11
C GLU A 550 34.76 2.92 -12.65
N LYS A 551 34.51 3.95 -11.84
CA LYS A 551 34.75 5.32 -12.25
C LYS A 551 36.16 5.78 -11.87
N GLY A 552 36.90 4.96 -11.12
CA GLY A 552 38.16 5.37 -10.56
C GLY A 552 38.05 5.89 -9.14
N VAL A 553 36.83 6.19 -8.69
CA VAL A 553 36.62 6.59 -7.30
C VAL A 553 36.87 5.40 -6.37
N LEU A 554 36.47 4.20 -6.80
CA LEU A 554 36.73 2.97 -6.09
C LEU A 554 37.46 2.03 -7.04
N LYS A 555 38.59 1.48 -6.60
CA LYS A 555 39.46 0.66 -7.42
C LYS A 555 39.47 -0.77 -6.88
N SER A 556 39.38 -1.73 -7.79
CA SER A 556 39.39 -3.15 -7.49
C SER A 556 40.67 -3.76 -8.04
N GLU A 557 41.56 -4.19 -7.15
CA GLU A 557 42.62 -5.11 -7.60
C GLU A 557 42.07 -6.50 -7.92
N SER A 558 40.86 -6.82 -7.46
CA SER A 558 40.28 -8.14 -7.69
C SER A 558 39.11 -8.01 -8.65
N GLU A 559 39.19 -8.72 -9.77
CA GLU A 559 38.08 -8.77 -10.70
C GLU A 559 36.89 -9.51 -10.11
N LEU A 560 37.16 -10.43 -9.17
CA LEU A 560 36.11 -11.23 -8.56
C LEU A 560 35.04 -10.40 -7.90
N ALA A 561 35.42 -9.24 -7.32
CA ALA A 561 34.45 -8.33 -6.73
C ALA A 561 33.35 -7.98 -7.71
N HIS A 562 33.72 -7.69 -8.96
CA HIS A 562 32.72 -7.38 -9.99
C HIS A 562 31.72 -8.52 -10.14
N GLN A 563 32.22 -9.77 -10.20
CA GLN A 563 31.30 -10.90 -10.22
C GLN A 563 30.48 -10.96 -8.94
N ALA A 564 31.13 -10.80 -7.78
CA ALA A 564 30.39 -10.75 -6.52
C ALA A 564 29.49 -9.54 -6.41
N LEU A 565 29.61 -8.56 -7.32
CA LEU A 565 28.61 -7.49 -7.38
C LEU A 565 27.44 -7.87 -8.28
N GLN A 566 27.71 -8.59 -9.38
CA GLN A 566 26.63 -9.01 -10.27
C GLN A 566 25.72 -10.03 -9.58
N ILE A 567 26.31 -11.08 -9.02
CA ILE A 567 25.61 -11.90 -8.05
C ILE A 567 25.39 -11.06 -6.80
N ASN A 568 24.28 -11.34 -6.08
CA ASN A 568 23.73 -10.62 -4.94
C ASN A 568 23.11 -9.30 -5.43
N SER A 569 23.08 -9.06 -6.73
CA SER A 569 22.24 -8.02 -7.30
C SER A 569 21.25 -8.56 -8.33
N SER A 570 21.50 -9.73 -8.91
CA SER A 570 20.51 -10.44 -9.71
C SER A 570 19.61 -11.34 -8.87
N GLY A 571 19.91 -11.53 -7.58
CA GLY A 571 19.14 -12.46 -6.77
C GLY A 571 18.64 -11.91 -5.45
N SER A 572 18.40 -10.61 -5.37
CA SER A 572 17.89 -10.03 -4.14
C SER A 572 16.39 -10.28 -3.96
N TYR A 573 15.62 -10.13 -5.04
CA TYR A 573 14.17 -10.24 -4.96
C TYR A 573 13.73 -11.66 -4.59
N TRP A 574 14.36 -12.67 -5.20
CA TRP A 574 13.99 -14.05 -4.89
C TRP A 574 14.32 -14.37 -3.44
N MET A 575 15.46 -13.88 -2.95
CA MET A 575 15.78 -14.01 -1.53
C MET A 575 14.70 -13.36 -0.66
N SER A 576 14.17 -12.22 -1.10
CA SER A 576 13.17 -11.54 -0.29
C SER A 576 11.84 -12.30 -0.26
N ALA A 577 11.44 -12.90 -1.37
CA ALA A 577 10.06 -13.36 -1.51
C ALA A 577 9.87 -14.87 -1.70
N ARG A 578 10.94 -15.67 -1.59
CA ARG A 578 10.83 -17.10 -1.91
C ARG A 578 9.88 -17.82 -0.96
N GLU A 579 9.92 -17.48 0.33
CA GLU A 579 9.04 -18.09 1.34
C GLU A 579 7.57 -17.89 1.01
N ARG A 580 7.15 -16.62 0.93
CA ARG A 580 5.75 -16.27 0.68
C ARG A 580 5.28 -16.89 -0.62
N ILE A 581 6.08 -16.80 -1.68
CA ILE A 581 5.65 -17.32 -2.98
C ILE A 581 5.51 -18.84 -2.93
N GLN A 582 6.51 -19.54 -2.41
CA GLN A 582 6.45 -21.00 -2.40
C GLN A 582 5.34 -21.54 -1.52
N SER A 583 4.82 -20.75 -0.56
CA SER A 583 3.78 -21.27 0.31
C SER A 583 2.36 -21.02 -0.18
N GLN A 584 2.16 -20.65 -1.45
CA GLN A 584 0.81 -20.35 -1.93
C GLN A 584 -0.03 -21.62 -2.08
N PHE A 585 -1.35 -21.46 -1.82
CA PHE A 585 -2.30 -22.56 -1.85
C PHE A 585 -3.01 -22.58 -3.20
N VAL A 586 -2.83 -23.67 -3.94
CA VAL A 586 -3.44 -23.84 -5.25
C VAL A 586 -4.28 -25.11 -5.25
N VAL A 587 -5.43 -25.07 -5.89
CA VAL A 587 -6.38 -26.18 -5.93
C VAL A 587 -6.58 -26.59 -7.39
N PRO A 588 -6.19 -27.79 -7.79
CA PRO A 588 -6.36 -28.21 -9.17
C PRO A 588 -7.80 -28.61 -9.48
N ASN A 589 -8.12 -28.61 -10.77
CA ASN A 589 -9.45 -28.96 -11.22
C ASN A 589 -9.69 -30.47 -11.17
N CYS A 590 -8.63 -31.27 -11.29
CA CYS A 590 -8.79 -32.71 -11.36
C CYS A 590 -9.31 -33.30 -10.05
N LYS A 591 -9.00 -32.67 -8.92
CA LYS A 591 -9.50 -33.17 -7.64
C LYS A 591 -11.01 -33.01 -7.53
N PHE A 592 -11.53 -31.83 -7.84
CA PHE A 592 -12.96 -31.54 -7.75
C PHE A 592 -13.51 -31.32 -9.15
N PRO A 593 -14.09 -32.32 -9.79
CA PRO A 593 -14.48 -32.17 -11.20
C PRO A 593 -15.73 -31.34 -11.42
N ASN A 594 -16.65 -31.35 -10.46
CA ASN A 594 -17.96 -30.73 -10.66
C ASN A 594 -18.01 -29.26 -10.30
N GLU A 595 -16.93 -28.67 -9.79
CA GLU A 595 -17.02 -27.35 -9.19
C GLU A 595 -16.57 -26.21 -10.08
N PHE A 596 -15.75 -26.47 -11.10
CA PHE A 596 -15.31 -25.39 -11.98
C PHE A 596 -16.41 -25.11 -13.00
N GLN A 597 -17.17 -24.05 -12.77
CA GLN A 597 -18.31 -23.71 -13.61
C GLN A 597 -18.09 -22.36 -14.28
N SER A 598 -18.44 -22.28 -15.55
CA SER A 598 -18.17 -21.11 -16.36
C SER A 598 -19.02 -19.92 -15.93
N LEU A 599 -18.53 -18.72 -16.25
CA LEU A 599 -19.23 -17.50 -15.88
C LEU A 599 -20.56 -17.37 -16.60
N SER A 600 -20.61 -17.76 -17.87
CA SER A 600 -21.83 -17.67 -18.65
C SER A 600 -22.87 -18.66 -18.14
N ALA A 601 -24.14 -18.24 -18.18
CA ALA A 601 -25.23 -19.12 -17.77
C ALA A 601 -25.34 -20.33 -18.71
N LYS A 602 -25.17 -20.10 -20.00
CA LYS A 602 -25.20 -21.18 -20.98
C LYS A 602 -23.79 -21.74 -21.14
N SER A 603 -23.62 -23.01 -20.81
CA SER A 603 -22.30 -23.63 -20.90
C SER A 603 -21.83 -23.73 -22.35
N SER A 604 -22.74 -24.06 -23.27
CA SER A 604 -22.48 -24.20 -24.70
C SER A 604 -21.40 -25.23 -25.02
N LEU A 605 -21.18 -26.17 -24.10
CA LEU A 605 -20.19 -27.24 -24.24
C LEU A 605 -18.80 -26.71 -24.58
N ASN A 606 -18.10 -27.39 -25.49
CA ASN A 606 -16.77 -27.01 -25.96
C ASN A 606 -15.74 -26.94 -24.82
N ASN A 607 -15.94 -27.75 -23.78
CA ASN A 607 -14.96 -27.81 -22.70
C ASN A 607 -13.68 -28.50 -23.18
N GLU A 608 -13.82 -29.56 -23.99
CA GLU A 608 -12.71 -30.29 -24.60
C GLU A 608 -11.78 -30.92 -23.58
N LYS A 609 -12.24 -31.07 -22.33
CA LYS A 609 -11.47 -31.68 -21.24
C LYS A 609 -10.14 -30.96 -21.04
N THR A 610 -10.25 -29.70 -20.62
CA THR A 610 -9.09 -28.87 -20.37
C THR A 610 -8.18 -29.52 -19.33
N ASN A 611 -6.91 -29.70 -19.69
CA ASN A 611 -6.03 -30.55 -18.90
C ASN A 611 -5.71 -29.93 -17.54
N ASP A 612 -5.46 -28.62 -17.50
CA ASP A 612 -5.01 -28.00 -16.27
C ASP A 612 -5.75 -26.69 -16.05
N LEU A 613 -6.34 -26.55 -14.86
CA LEU A 613 -6.88 -25.29 -14.38
C LEU A 613 -6.70 -25.22 -12.87
N ALA A 614 -6.64 -24.00 -12.34
CA ALA A 614 -6.46 -23.82 -10.91
C ALA A 614 -6.97 -22.45 -10.50
N ILE A 615 -7.33 -22.32 -9.24
CA ILE A 615 -7.92 -21.10 -8.69
C ILE A 615 -7.24 -20.77 -7.37
N ILE A 616 -6.84 -19.52 -7.20
CA ILE A 616 -6.24 -19.01 -5.98
C ILE A 616 -7.16 -17.94 -5.39
N ILE A 617 -7.44 -18.04 -4.10
CA ILE A 617 -8.27 -17.09 -3.38
C ILE A 617 -7.34 -16.16 -2.59
N PRO A 618 -7.20 -14.90 -2.97
CA PRO A 618 -6.32 -13.99 -2.23
C PRO A 618 -6.92 -13.61 -0.89
N LYS A 619 -6.05 -13.54 0.13
CA LYS A 619 -6.47 -13.22 1.49
C LYS A 619 -6.26 -11.72 1.76
N ILE A 620 -7.30 -10.93 1.54
CA ILE A 620 -7.20 -9.48 1.53
C ILE A 620 -8.01 -8.92 2.70
N VAL A 621 -7.36 -8.12 3.53
CA VAL A 621 -8.05 -7.32 4.54
C VAL A 621 -8.52 -6.04 3.87
N PRO A 622 -9.84 -5.78 3.81
CA PRO A 622 -10.32 -4.61 3.05
C PRO A 622 -9.87 -3.27 3.61
N MET A 623 -9.86 -3.11 4.93
CA MET A 623 -9.40 -1.88 5.57
C MET A 623 -8.27 -2.23 6.53
N GLY A 624 -7.06 -1.78 6.22
CA GLY A 624 -5.91 -2.13 7.04
C GLY A 624 -5.03 -0.97 7.43
N THR A 625 -5.45 0.25 7.09
CA THR A 625 -4.72 1.47 7.41
C THR A 625 -5.68 2.47 8.03
N ILE A 626 -5.12 3.52 8.63
CA ILE A 626 -5.95 4.62 9.14
C ILE A 626 -6.70 5.29 8.01
N THR A 627 -6.15 5.26 6.80
CA THR A 627 -6.79 5.86 5.64
C THR A 627 -7.70 4.89 4.90
N ARG A 628 -8.03 3.75 5.52
CA ARG A 628 -9.00 2.77 4.98
C ARG A 628 -8.54 2.18 3.66
N ARG A 629 -7.24 1.88 3.56
CA ARG A 629 -6.64 1.17 2.45
C ARG A 629 -6.58 -0.33 2.78
N ALA A 630 -6.42 -1.15 1.73
CA ALA A 630 -6.35 -2.59 1.84
C ALA A 630 -4.91 -3.08 1.85
N VAL A 631 -4.72 -4.27 2.42
CA VAL A 631 -3.41 -4.90 2.58
C VAL A 631 -3.48 -6.33 2.08
N GLU A 632 -2.47 -6.74 1.31
CA GLU A 632 -2.19 -8.15 1.10
C GLU A 632 -0.70 -8.26 0.78
N ASN A 633 -0.07 -9.31 1.29
CA ASN A 633 1.38 -9.32 1.41
C ASN A 633 2.13 -9.66 0.14
N THR A 634 1.53 -10.40 -0.79
CA THR A 634 2.26 -10.92 -1.94
C THR A 634 1.90 -10.22 -3.25
N TRP A 635 0.61 -10.00 -3.50
CA TRP A 635 0.16 -9.55 -4.81
C TRP A 635 0.16 -8.04 -4.96
N LEU A 636 -0.30 -7.30 -3.96
CA LEU A 636 -0.22 -5.84 -4.06
C LEU A 636 1.21 -5.35 -3.91
N THR A 637 2.09 -6.13 -3.29
CA THR A 637 3.50 -5.80 -3.16
C THR A 637 4.38 -6.60 -4.12
N ALA A 638 3.80 -7.05 -5.24
CA ALA A 638 4.57 -7.80 -6.24
C ALA A 638 5.32 -6.85 -7.15
N SER A 639 6.53 -7.27 -7.55
CA SER A 639 7.38 -6.44 -8.38
C SER A 639 7.07 -6.67 -9.86
N ASN A 640 7.26 -5.61 -10.65
CA ASN A 640 7.08 -5.69 -12.09
C ASN A 640 8.26 -6.43 -12.72
N ALA A 641 8.06 -6.86 -13.97
CA ALA A 641 9.06 -7.63 -14.67
C ALA A 641 10.31 -6.80 -14.95
N LYS A 642 11.48 -7.41 -14.76
CA LYS A 642 12.76 -6.73 -14.93
C LYS A 642 13.69 -7.67 -15.67
N ALA A 643 14.61 -7.08 -16.45
CA ALA A 643 15.43 -7.87 -17.36
C ALA A 643 16.46 -8.73 -16.64
N ASN A 644 16.98 -8.27 -15.51
CA ASN A 644 18.10 -8.95 -14.86
C ASN A 644 17.77 -9.52 -13.47
N ARG A 645 16.51 -9.50 -13.06
CA ARG A 645 16.12 -10.02 -11.75
C ARG A 645 15.48 -11.39 -11.92
N ILE A 646 16.02 -12.38 -11.21
CA ILE A 646 15.53 -13.75 -11.32
C ILE A 646 14.17 -13.86 -10.65
N GLY A 647 13.22 -14.48 -11.35
CA GLY A 647 11.90 -14.74 -10.80
C GLY A 647 11.07 -13.50 -10.52
N SER A 648 11.03 -12.57 -11.47
CA SER A 648 10.26 -11.35 -11.32
C SER A 648 8.99 -11.35 -12.18
N GLU A 649 8.62 -12.50 -12.75
CA GLU A 649 7.47 -12.62 -13.62
C GLU A 649 6.24 -13.18 -12.90
N LEU A 650 6.08 -12.85 -11.61
CA LEU A 650 5.03 -13.45 -10.79
C LEU A 650 3.64 -13.18 -11.36
N LYS A 651 3.32 -11.90 -11.61
CA LYS A 651 1.98 -11.54 -12.05
C LYS A 651 1.65 -12.11 -13.43
N THR A 652 2.66 -12.47 -14.21
CA THR A 652 2.44 -13.09 -15.51
C THR A 652 1.81 -14.49 -15.37
N GLN A 653 1.97 -15.13 -14.21
CA GLN A 653 1.47 -16.50 -14.05
C GLN A 653 -0.06 -16.56 -14.07
N VAL A 654 -0.75 -15.47 -13.79
CA VAL A 654 -2.20 -15.45 -13.87
C VAL A 654 -2.62 -15.45 -15.33
N LYS A 655 -3.48 -16.40 -15.71
CA LYS A 655 -3.95 -16.54 -17.07
C LYS A 655 -5.46 -16.68 -17.08
N ALA A 656 -6.07 -16.32 -18.22
CA ALA A 656 -7.52 -16.47 -18.32
C ALA A 656 -7.85 -17.80 -18.99
N PRO A 657 -8.95 -18.44 -18.59
CA PRO A 657 -9.38 -19.67 -19.25
C PRO A 657 -9.85 -19.39 -20.67
N PRO A 658 -9.88 -20.41 -21.54
CA PRO A 658 -10.23 -20.18 -22.94
C PRO A 658 -11.60 -19.55 -23.12
N GLY A 659 -11.70 -18.62 -24.07
CA GLY A 659 -12.91 -17.88 -24.30
C GLY A 659 -13.12 -16.67 -23.41
N TYR A 660 -12.11 -16.26 -22.64
CA TYR A 660 -12.26 -15.20 -21.65
C TYR A 660 -11.04 -14.28 -21.73
N CYS A 661 -11.21 -13.05 -21.24
CA CYS A 661 -10.15 -12.06 -21.34
C CYS A 661 -10.21 -11.14 -20.12
N PHE A 662 -9.14 -10.36 -19.96
CA PHE A 662 -9.03 -9.36 -18.89
C PHE A 662 -9.17 -7.97 -19.50
N VAL A 663 -10.03 -7.15 -18.89
CA VAL A 663 -10.24 -5.76 -19.29
C VAL A 663 -9.91 -4.87 -18.10
N GLY A 664 -8.98 -3.92 -18.29
CA GLY A 664 -8.44 -3.19 -17.17
C GLY A 664 -8.32 -1.70 -17.45
N ALA A 665 -8.21 -0.95 -16.36
CA ALA A 665 -8.03 0.50 -16.42
C ALA A 665 -7.25 0.97 -15.20
N ASP A 666 -6.67 2.16 -15.32
CA ASP A 666 -5.85 2.77 -14.28
C ASP A 666 -6.14 4.27 -14.24
N VAL A 667 -6.30 4.79 -13.03
CA VAL A 667 -6.56 6.22 -12.83
C VAL A 667 -5.24 6.98 -12.92
N ASP A 668 -5.26 8.13 -13.58
CA ASP A 668 -4.06 8.92 -13.79
C ASP A 668 -4.12 10.27 -13.06
N SER A 669 -3.05 10.60 -12.35
CA SER A 669 -2.88 11.86 -11.63
C SER A 669 -4.04 12.12 -10.66
N GLU A 670 -4.32 11.14 -9.81
CA GLU A 670 -5.50 11.19 -8.96
C GLU A 670 -5.35 12.22 -7.84
N GLU A 671 -4.35 12.01 -6.98
CA GLU A 671 -4.22 12.85 -5.78
C GLU A 671 -3.92 14.29 -6.14
N LEU A 672 -3.12 14.48 -7.19
CA LEU A 672 -2.81 15.83 -7.64
C LEU A 672 -4.05 16.55 -8.16
N TRP A 673 -4.93 15.83 -8.87
CA TRP A 673 -6.18 16.42 -9.32
C TRP A 673 -7.07 16.80 -8.16
N ILE A 674 -7.14 15.93 -7.13
CA ILE A 674 -7.95 16.26 -5.96
C ILE A 674 -7.40 17.50 -5.25
N ALA A 675 -6.08 17.59 -5.14
CA ALA A 675 -5.47 18.77 -4.52
C ALA A 675 -5.75 20.03 -5.33
N SER A 676 -5.67 19.95 -6.65
CA SER A 676 -5.98 21.09 -7.49
C SER A 676 -7.43 21.51 -7.34
N LEU A 677 -8.34 20.54 -7.25
CA LEU A 677 -9.76 20.86 -7.06
C LEU A 677 -10.02 21.55 -5.73
N VAL A 678 -9.43 21.02 -4.64
CA VAL A 678 -9.70 21.63 -3.34
C VAL A 678 -9.01 22.99 -3.23
N GLY A 679 -7.95 23.22 -3.98
CA GLY A 679 -7.42 24.57 -4.08
C GLY A 679 -8.33 25.52 -4.85
N ASP A 680 -8.90 25.04 -5.95
CA ASP A 680 -9.69 25.90 -6.84
C ASP A 680 -11.11 26.15 -6.34
N SER A 681 -11.51 25.53 -5.22
CA SER A 681 -12.90 25.60 -4.79
C SER A 681 -13.31 27.03 -4.41
N ILE A 682 -12.39 27.79 -3.80
CA ILE A 682 -12.74 29.11 -3.28
C ILE A 682 -13.06 30.07 -4.43
N PHE A 683 -12.26 30.04 -5.49
CA PHE A 683 -12.45 30.97 -6.60
C PHE A 683 -13.75 30.70 -7.37
N ASN A 684 -14.28 29.46 -7.27
CA ASN A 684 -15.47 28.96 -7.94
C ASN A 684 -15.31 28.83 -9.44
N VAL A 685 -14.11 29.02 -9.97
CA VAL A 685 -13.80 28.85 -11.38
C VAL A 685 -12.67 27.84 -11.50
N HIS A 686 -12.81 26.87 -12.41
CA HIS A 686 -11.73 25.94 -12.66
C HIS A 686 -10.51 26.68 -13.19
N GLY A 687 -9.33 26.27 -12.70
CA GLY A 687 -8.11 26.95 -13.08
C GLY A 687 -7.88 28.28 -12.42
N GLY A 688 -8.53 28.53 -11.27
CA GLY A 688 -8.35 29.80 -10.58
C GLY A 688 -6.95 29.98 -10.02
N THR A 689 -6.34 28.90 -9.55
CA THR A 689 -4.97 28.94 -9.07
C THR A 689 -3.99 28.55 -10.19
N ALA A 690 -2.73 28.95 -10.00
CA ALA A 690 -1.72 28.67 -11.01
C ALA A 690 -1.42 27.18 -11.10
N ILE A 691 -1.39 26.48 -9.96
CA ILE A 691 -1.12 25.04 -9.99
C ILE A 691 -2.28 24.29 -10.63
N GLY A 692 -3.50 24.81 -10.53
CA GLY A 692 -4.61 24.19 -11.24
C GLY A 692 -4.47 24.33 -12.74
N TRP A 693 -4.02 25.50 -13.21
CA TRP A 693 -3.77 25.68 -14.63
C TRP A 693 -2.61 24.81 -15.08
N MET A 694 -1.57 24.71 -14.27
CA MET A 694 -0.48 23.79 -14.56
C MET A 694 -0.84 22.33 -14.32
N CYS A 695 -2.05 22.03 -13.83
CA CYS A 695 -2.50 20.64 -13.82
C CYS A 695 -3.35 20.32 -15.06
N LEU A 696 -4.17 21.27 -15.52
CA LEU A 696 -5.09 21.07 -16.64
C LEU A 696 -4.57 21.58 -17.98
N GLU A 697 -3.25 21.65 -18.14
CA GLU A 697 -2.68 22.30 -19.33
C GLU A 697 -2.79 21.40 -20.56
N GLY A 698 -2.78 20.10 -20.36
CA GLY A 698 -2.72 19.17 -21.47
C GLY A 698 -3.16 17.81 -21.02
N THR A 699 -2.79 16.80 -21.81
CA THR A 699 -3.21 15.42 -21.61
C THR A 699 -1.98 14.52 -21.61
N LYS A 700 -2.18 13.32 -21.08
CA LYS A 700 -1.10 12.34 -20.99
C LYS A 700 -0.68 11.85 -22.37
N ASN A 701 -1.65 11.69 -23.28
CA ASN A 701 -1.36 11.11 -24.59
C ASN A 701 -0.41 11.99 -25.41
N GLU A 702 -0.60 13.31 -25.34
CA GLU A 702 0.25 14.21 -26.11
C GLU A 702 1.63 14.39 -25.50
N GLY A 703 1.83 13.97 -24.25
CA GLY A 703 3.11 14.11 -23.60
C GLY A 703 3.34 15.42 -22.90
N THR A 704 2.30 16.23 -22.69
CA THR A 704 2.44 17.55 -22.08
C THR A 704 1.84 17.62 -20.68
N ASP A 705 1.91 16.52 -19.92
CA ASP A 705 1.44 16.51 -18.55
C ASP A 705 2.47 17.16 -17.61
N LEU A 706 2.02 17.48 -16.38
CA LEU A 706 2.89 18.16 -15.42
C LEU A 706 4.10 17.31 -15.05
N HIS A 707 3.89 16.02 -14.79
CA HIS A 707 4.99 15.16 -14.37
C HIS A 707 6.05 15.06 -15.45
N THR A 708 5.61 14.97 -16.72
CA THR A 708 6.56 14.93 -17.83
C THR A 708 7.35 16.22 -17.93
N LYS A 709 6.70 17.36 -17.69
CA LYS A 709 7.41 18.64 -17.72
C LYS A 709 8.43 18.71 -16.57
N THR A 710 8.06 18.24 -15.38
CA THR A 710 9.01 18.22 -14.27
C THR A 710 10.20 17.31 -14.60
N ALA A 711 9.92 16.18 -15.25
CA ALA A 711 10.99 15.27 -15.66
C ALA A 711 11.92 15.91 -16.67
N GLN A 712 11.38 16.65 -17.64
CA GLN A 712 12.25 17.24 -18.66
C GLN A 712 13.00 18.45 -18.15
N ILE A 713 12.45 19.19 -17.18
CA ILE A 713 13.23 20.27 -16.57
C ILE A 713 14.36 19.69 -15.70
N LEU A 714 14.06 18.68 -14.90
CA LEU A 714 15.06 18.12 -14.01
C LEU A 714 15.93 17.05 -14.65
N GLY A 715 15.62 16.64 -15.88
CA GLY A 715 16.43 15.64 -16.57
C GLY A 715 16.43 14.28 -15.91
N CYS A 716 15.25 13.78 -15.54
CA CYS A 716 15.10 12.49 -14.90
C CYS A 716 13.89 11.78 -15.49
N SER A 717 13.65 10.55 -15.03
CA SER A 717 12.51 9.78 -15.51
C SER A 717 11.22 10.29 -14.88
N ARG A 718 10.10 9.81 -15.41
CA ARG A 718 8.79 10.27 -14.93
C ARG A 718 8.49 9.75 -13.53
N ASN A 719 8.94 8.53 -13.21
CA ASN A 719 8.77 7.99 -11.86
C ASN A 719 9.56 8.80 -10.84
N GLU A 720 10.79 9.18 -11.19
CA GLU A 720 11.61 10.00 -10.31
C GLU A 720 10.96 11.36 -10.06
N ALA A 721 10.38 11.94 -11.11
CA ALA A 721 9.65 13.19 -10.95
C ALA A 721 8.42 13.00 -10.07
N LYS A 722 7.76 11.83 -10.17
CA LYS A 722 6.63 11.54 -9.31
C LYS A 722 7.02 11.53 -7.84
N ILE A 723 8.15 10.86 -7.54
CA ILE A 723 8.67 10.85 -6.17
C ILE A 723 8.97 12.27 -5.70
N PHE A 724 9.61 13.06 -6.56
CA PHE A 724 9.99 14.43 -6.21
C PHE A 724 8.76 15.27 -5.88
N ASN A 725 7.75 15.24 -6.75
CA ASN A 725 6.57 16.08 -6.56
C ASN A 725 5.74 15.65 -5.36
N TYR A 726 5.52 14.34 -5.18
CA TYR A 726 4.73 13.90 -4.04
C TYR A 726 5.43 14.22 -2.73
N GLY A 727 6.76 14.05 -2.68
CA GLY A 727 7.50 14.44 -1.49
C GLY A 727 7.41 15.93 -1.21
N ARG A 728 7.45 16.76 -2.26
CA ARG A 728 7.27 18.19 -2.02
C ARG A 728 5.88 18.50 -1.49
N ILE A 729 4.85 17.86 -2.05
CA ILE A 729 3.47 18.19 -1.65
C ILE A 729 3.22 17.82 -0.20
N TYR A 730 3.65 16.63 0.23
CA TYR A 730 3.35 16.27 1.61
C TYR A 730 4.24 16.98 2.63
N GLY A 731 5.27 17.71 2.20
CA GLY A 731 6.09 18.44 3.13
C GLY A 731 7.48 17.86 3.25
N ALA A 732 8.49 18.57 2.74
CA ALA A 732 9.85 18.07 2.72
C ALA A 732 10.79 19.24 2.98
N GLY A 733 12.08 19.01 2.74
CA GLY A 733 13.08 20.03 2.95
C GLY A 733 13.96 20.21 1.74
N ALA A 734 14.54 21.41 1.61
CA ALA A 734 15.37 21.73 0.46
C ALA A 734 16.64 20.88 0.45
N LYS A 735 17.21 20.62 1.62
CA LYS A 735 18.37 19.73 1.70
C LYS A 735 18.00 18.32 1.26
N PHE A 736 16.80 17.85 1.61
CA PHE A 736 16.35 16.53 1.21
C PHE A 736 16.14 16.44 -0.30
N ALA A 737 15.54 17.47 -0.89
CA ALA A 737 15.32 17.51 -2.33
C ALA A 737 16.65 17.57 -3.08
N SER A 738 17.60 18.37 -2.58
CA SER A 738 18.93 18.40 -3.20
C SER A 738 19.61 17.05 -3.08
N GLN A 739 19.37 16.34 -1.98
CA GLN A 739 19.91 14.99 -1.85
C GLN A 739 19.32 14.06 -2.92
N LEU A 740 18.01 14.14 -3.15
CA LEU A 740 17.40 13.33 -4.20
C LEU A 740 17.96 13.68 -5.59
N LEU A 741 18.18 14.97 -5.84
CA LEU A 741 18.83 15.35 -7.09
C LEU A 741 20.24 14.76 -7.20
N LYS A 742 20.93 14.63 -6.07
CA LYS A 742 22.24 13.99 -6.10
C LYS A 742 22.12 12.49 -6.44
N ARG A 743 21.09 11.82 -5.92
CA ARG A 743 20.85 10.43 -6.33
C ARG A 743 20.54 10.31 -7.82
N PHE A 744 19.72 11.23 -8.35
CA PHE A 744 19.31 11.12 -9.76
C PHE A 744 20.50 11.25 -10.71
N ASN A 745 21.41 12.18 -10.45
CA ASN A 745 22.58 12.38 -11.30
C ASN A 745 23.82 12.41 -10.42
N PRO A 746 24.72 11.42 -10.52
CA PRO A 746 25.90 11.39 -9.65
C PRO A 746 27.01 12.36 -10.05
N SER A 747 26.91 13.05 -11.18
CA SER A 747 27.99 13.88 -11.68
C SER A 747 27.87 15.35 -11.28
N LEU A 748 26.90 15.69 -10.45
CA LEU A 748 26.63 17.09 -10.11
C LEU A 748 27.24 17.45 -8.76
N THR A 749 27.88 18.62 -8.71
CA THR A 749 28.44 19.14 -7.47
C THR A 749 27.31 19.54 -6.52
N ASP A 750 27.54 19.32 -5.22
CA ASP A 750 26.50 19.51 -4.20
C ASP A 750 25.97 20.93 -4.17
N GLU A 751 26.83 21.93 -4.36
CA GLU A 751 26.40 23.32 -4.30
C GLU A 751 25.39 23.63 -5.41
N GLU A 752 25.60 23.06 -6.59
CA GLU A 752 24.69 23.26 -7.71
C GLU A 752 23.31 22.69 -7.41
N THR A 753 23.27 21.47 -6.84
CA THR A 753 21.99 20.87 -6.46
C THR A 753 21.28 21.69 -5.40
N LYS A 754 22.04 22.20 -4.41
CA LYS A 754 21.45 23.06 -3.39
C LYS A 754 20.84 24.32 -4.00
N LYS A 755 21.55 24.93 -4.95
CA LYS A 755 21.05 26.14 -5.61
C LYS A 755 19.76 25.86 -6.36
N ILE A 756 19.72 24.76 -7.11
CA ILE A 756 18.52 24.41 -7.86
C ILE A 756 17.34 24.16 -6.91
N ALA A 757 17.59 23.44 -5.81
CA ALA A 757 16.52 23.15 -4.86
C ALA A 757 16.00 24.43 -4.21
N ASN A 758 16.89 25.34 -3.82
CA ASN A 758 16.45 26.58 -3.19
C ASN A 758 15.62 27.43 -4.14
N LYS A 759 16.05 27.58 -5.40
CA LYS A 759 15.28 28.40 -6.32
C LYS A 759 13.91 27.77 -6.61
N LEU A 760 13.87 26.44 -6.76
CA LEU A 760 12.59 25.78 -7.03
C LEU A 760 11.63 25.93 -5.87
N TYR A 761 12.12 25.75 -4.63
CA TYR A 761 11.22 25.89 -3.48
C TYR A 761 10.82 27.33 -3.24
N GLU A 762 11.69 28.29 -3.55
CA GLU A 762 11.31 29.68 -3.40
C GLU A 762 10.19 30.06 -4.36
N ASN A 763 10.27 29.57 -5.61
CA ASN A 763 9.16 29.84 -6.53
C ASN A 763 7.90 29.08 -6.14
N THR A 764 8.04 27.85 -5.63
CA THR A 764 6.87 27.01 -5.41
C THR A 764 6.04 27.46 -4.22
N LYS A 765 6.67 27.68 -3.07
CA LYS A 765 5.95 27.90 -1.82
C LYS A 765 5.75 29.38 -1.48
N GLY A 766 6.81 30.18 -1.55
CA GLY A 766 6.70 31.60 -1.24
C GLY A 766 6.99 31.94 0.20
N LYS A 767 6.76 33.21 0.52
CA LYS A 767 7.11 33.75 1.83
C LYS A 767 6.02 33.47 2.86
N THR A 768 6.33 33.74 4.12
CA THR A 768 5.41 33.51 5.23
C THR A 768 5.34 34.75 6.11
N LYS A 769 4.18 34.94 6.74
CA LYS A 769 3.94 36.11 7.57
C LYS A 769 3.14 35.72 8.80
N ARG A 770 3.45 36.37 9.94
CA ARG A 770 2.78 36.13 11.21
C ARG A 770 2.12 37.42 11.67
N SER A 771 0.81 37.39 11.88
CA SER A 771 0.05 38.52 12.37
C SER A 771 -0.89 38.04 13.47
N LYS A 772 -1.19 38.94 14.41
CA LYS A 772 -1.98 38.53 15.57
C LYS A 772 -3.44 38.26 15.19
N LEU A 773 -4.01 39.02 14.25
CA LEU A 773 -5.39 38.76 13.84
C LEU A 773 -5.49 37.52 12.95
N PHE A 774 -4.56 37.36 12.02
CA PHE A 774 -4.69 36.38 10.94
C PHE A 774 -3.74 35.19 11.10
N LYS A 775 -3.21 34.98 12.31
CA LYS A 775 -2.36 33.83 12.66
C LYS A 775 -1.14 33.82 11.74
N LYS A 776 -0.75 32.68 11.17
CA LYS A 776 0.38 32.60 10.26
C LYS A 776 -0.11 32.14 8.90
N PHE A 777 0.32 32.81 7.84
CA PHE A 777 -0.11 32.44 6.51
C PHE A 777 1.01 32.62 5.50
N TRP A 778 0.86 31.94 4.37
CA TRP A 778 1.81 32.00 3.26
C TRP A 778 1.31 33.00 2.21
N TYR A 779 2.27 33.62 1.51
CA TYR A 779 1.92 34.57 0.47
C TYR A 779 3.01 34.61 -0.58
N GLY A 780 2.66 35.08 -1.77
CA GLY A 780 3.62 35.26 -2.84
C GLY A 780 4.04 34.00 -3.55
N GLY A 781 3.29 32.91 -3.42
CA GLY A 781 3.66 31.66 -4.05
C GLY A 781 2.54 31.12 -4.90
N SER A 782 2.90 30.19 -5.79
CA SER A 782 1.92 29.58 -6.68
C SER A 782 0.94 28.70 -5.91
N GLU A 783 1.42 27.97 -4.91
CA GLU A 783 0.60 27.03 -4.15
C GLU A 783 0.41 27.48 -2.71
N SER A 784 0.31 28.78 -2.48
CA SER A 784 0.11 29.28 -1.13
C SER A 784 -1.32 29.05 -0.66
N ILE A 785 -2.30 29.25 -1.55
CA ILE A 785 -3.69 29.10 -1.18
C ILE A 785 -4.03 27.64 -0.88
N LEU A 786 -3.52 26.71 -1.71
CA LEU A 786 -3.67 25.28 -1.47
C LEU A 786 -3.19 24.88 -0.08
N PHE A 787 -1.98 25.31 0.28
CA PHE A 787 -1.47 25.04 1.60
C PHE A 787 -2.36 25.63 2.68
N ASN A 788 -2.60 26.94 2.65
CA ASN A 788 -3.37 27.61 3.71
C ASN A 788 -4.73 26.97 3.91
N LYS A 789 -5.38 26.54 2.82
CA LYS A 789 -6.64 25.83 2.96
C LYS A 789 -6.44 24.47 3.64
N LEU A 790 -5.34 23.78 3.31
CA LEU A 790 -5.10 22.50 3.97
C LEU A 790 -4.86 22.68 5.47
N GLU A 791 -4.12 23.70 5.89
CA GLU A 791 -3.90 23.78 7.34
C GLU A 791 -5.17 24.25 8.03
N SER A 792 -5.98 25.06 7.33
CA SER A 792 -7.26 25.51 7.90
C SER A 792 -8.20 24.32 8.12
N ILE A 793 -8.29 23.41 7.15
CA ILE A 793 -9.20 22.27 7.35
C ILE A 793 -8.62 21.23 8.29
N ALA A 794 -7.29 21.17 8.43
CA ALA A 794 -6.71 20.20 9.35
C ALA A 794 -6.95 20.57 10.81
N GLU A 795 -7.14 21.86 11.10
CA GLU A 795 -7.29 22.34 12.47
C GLU A 795 -8.71 22.17 12.99
N GLN A 796 -9.65 21.76 12.14
CA GLN A 796 -11.07 21.76 12.49
C GLN A 796 -11.36 20.78 13.63
N GLU A 797 -12.44 21.08 14.37
CA GLU A 797 -12.78 20.32 15.57
C GLU A 797 -13.15 18.89 15.23
N THR A 798 -14.03 18.69 14.25
CA THR A 798 -14.48 17.36 13.83
C THR A 798 -14.24 17.25 12.33
N PRO A 799 -13.02 16.87 11.93
CA PRO A 799 -12.71 16.76 10.50
C PRO A 799 -13.53 15.66 9.83
N LYS A 800 -13.95 15.94 8.60
CA LYS A 800 -14.67 14.97 7.80
C LYS A 800 -14.15 15.00 6.38
N THR A 801 -14.27 13.86 5.70
CA THR A 801 -13.92 13.79 4.28
C THR A 801 -14.85 14.69 3.48
N PRO A 802 -14.31 15.53 2.59
CA PRO A 802 -15.18 16.49 1.88
C PRO A 802 -16.26 15.87 1.01
N VAL A 803 -16.01 14.71 0.42
CA VAL A 803 -16.96 14.15 -0.54
C VAL A 803 -18.11 13.46 0.16
N LEU A 804 -17.83 12.55 1.09
CA LEU A 804 -18.85 11.71 1.69
C LEU A 804 -19.06 11.94 3.18
N GLY A 805 -18.30 12.84 3.81
CA GLY A 805 -18.49 13.12 5.23
C GLY A 805 -18.12 12.02 6.17
N CYS A 806 -17.02 11.30 5.90
CA CYS A 806 -16.55 10.24 6.78
C CYS A 806 -15.71 10.83 7.90
N GLY A 807 -15.97 10.38 9.14
CA GLY A 807 -15.26 10.91 10.28
C GLY A 807 -13.85 10.37 10.42
N ILE A 808 -13.12 10.98 11.35
CA ILE A 808 -11.73 10.63 11.60
C ILE A 808 -11.68 9.68 12.79
N THR A 809 -10.56 8.97 12.91
CA THR A 809 -10.38 8.02 14.00
C THR A 809 -10.23 8.74 15.34
N TYR A 810 -10.47 7.99 16.41
CA TYR A 810 -10.42 8.56 17.76
C TYR A 810 -9.00 8.94 18.16
N SER A 811 -8.01 8.16 17.74
CA SER A 811 -6.64 8.39 18.18
C SER A 811 -6.08 9.71 17.64
N LEU A 812 -6.40 10.05 16.40
CA LEU A 812 -5.83 11.23 15.77
C LEU A 812 -6.56 12.52 16.14
N MET A 813 -7.66 12.44 16.88
CA MET A 813 -8.38 13.65 17.26
C MET A 813 -7.52 14.50 18.19
N LYS A 814 -7.60 15.82 18.03
CA LYS A 814 -6.75 16.72 18.79
C LYS A 814 -7.12 16.77 20.27
N LYS A 815 -8.35 16.37 20.63
CA LYS A 815 -8.71 16.33 22.04
C LYS A 815 -7.95 15.22 22.77
N ASN A 816 -7.67 14.11 22.07
CA ASN A 816 -6.97 13.00 22.69
C ASN A 816 -5.49 13.34 22.95
N LEU A 817 -4.92 14.27 22.18
CA LEU A 817 -3.49 14.54 22.23
C LEU A 817 -3.26 15.98 22.68
N ARG A 818 -2.57 16.13 23.81
CA ARG A 818 -2.17 17.44 24.33
C ARG A 818 -0.68 17.70 24.21
N ALA A 819 0.12 16.64 24.05
CA ALA A 819 1.52 16.74 23.69
C ALA A 819 1.79 15.77 22.55
N ASN A 820 2.99 15.89 21.98
CA ASN A 820 3.45 15.04 20.87
C ASN A 820 2.47 15.09 19.70
N SER A 821 2.06 16.31 19.35
CA SER A 821 1.05 16.50 18.32
C SER A 821 1.57 16.05 16.96
N PHE A 822 0.67 15.54 16.13
CA PHE A 822 1.03 15.07 14.80
C PHE A 822 0.15 15.79 13.80
N LEU A 823 0.55 17.01 13.45
CA LEU A 823 -0.17 17.75 12.43
C LEU A 823 -0.06 17.14 11.03
N PRO A 824 1.12 16.75 10.51
CA PRO A 824 1.20 16.34 9.08
C PRO A 824 0.33 15.14 8.69
N SER A 825 0.14 14.20 9.63
CA SER A 825 -0.64 13.01 9.36
C SER A 825 -2.07 13.34 8.94
N ARG A 826 -2.64 14.41 9.51
CA ARG A 826 -3.99 14.83 9.16
C ARG A 826 -4.06 15.27 7.68
N ILE A 827 -3.08 16.07 7.25
CA ILE A 827 -3.01 16.52 5.86
C ILE A 827 -2.92 15.32 4.92
N ASN A 828 -2.04 14.38 5.23
CA ASN A 828 -1.91 13.21 4.35
C ASN A 828 -3.20 12.38 4.34
N TRP A 829 -3.81 12.23 5.51
CA TRP A 829 -5.01 11.40 5.68
C TRP A 829 -6.17 11.89 4.83
N ALA A 830 -6.42 13.21 4.82
CA ALA A 830 -7.59 13.72 4.11
C ALA A 830 -7.56 13.34 2.63
N ILE A 831 -6.41 13.54 1.98
CA ILE A 831 -6.28 13.28 0.55
C ILE A 831 -6.33 11.79 0.25
N GLN A 832 -5.58 10.98 1.01
CA GLN A 832 -5.58 9.54 0.79
C GLN A 832 -6.98 8.92 1.01
N SER A 833 -7.70 9.41 2.02
CA SER A 833 -9.07 8.96 2.24
C SER A 833 -9.98 9.33 1.06
N SER A 834 -9.86 10.56 0.55
CA SER A 834 -10.59 10.96 -0.64
C SER A 834 -10.36 10.02 -1.82
N GLY A 835 -9.11 9.55 -1.95
CA GLY A 835 -8.84 8.52 -2.93
C GLY A 835 -9.64 7.25 -2.68
N VAL A 836 -9.76 6.84 -1.42
CA VAL A 836 -10.57 5.65 -1.12
C VAL A 836 -12.04 5.87 -1.49
N ASP A 837 -12.55 7.08 -1.24
CA ASP A 837 -13.93 7.39 -1.62
C ASP A 837 -14.13 7.31 -3.13
N TYR A 838 -13.14 7.79 -3.89
CA TYR A 838 -13.16 7.64 -5.35
C TYR A 838 -13.30 6.18 -5.75
N LEU A 839 -12.50 5.31 -5.14
CA LEU A 839 -12.58 3.88 -5.46
C LEU A 839 -13.95 3.29 -5.15
N HIS A 840 -14.52 3.67 -3.99
CA HIS A 840 -15.84 3.14 -3.61
C HIS A 840 -16.92 3.55 -4.62
N LEU A 841 -16.90 4.82 -5.04
CA LEU A 841 -17.89 5.27 -6.01
C LEU A 841 -17.74 4.54 -7.34
N LEU A 842 -16.50 4.32 -7.79
CA LEU A 842 -16.28 3.56 -9.03
C LEU A 842 -16.87 2.16 -8.93
N CYS A 843 -16.61 1.46 -7.83
CA CYS A 843 -17.10 0.09 -7.68
C CYS A 843 -18.63 0.04 -7.66
N CYS A 844 -19.26 0.96 -6.92
CA CYS A 844 -20.72 0.94 -6.85
C CYS A 844 -21.36 1.20 -8.21
N SER A 845 -20.84 2.18 -8.96
CA SER A 845 -21.40 2.46 -10.28
C SER A 845 -21.23 1.29 -11.23
N MET A 846 -20.06 0.65 -11.20
CA MET A 846 -19.82 -0.48 -12.09
C MET A 846 -20.75 -1.65 -11.76
N GLU A 847 -20.96 -1.90 -10.48
CA GLU A 847 -21.87 -2.96 -10.06
C GLU A 847 -23.30 -2.71 -10.54
N TYR A 848 -23.78 -1.48 -10.37
CA TYR A 848 -25.14 -1.16 -10.79
C TYR A 848 -25.32 -1.33 -12.29
N ILE A 849 -24.35 -0.86 -13.09
CA ILE A 849 -24.48 -0.98 -14.54
C ILE A 849 -24.46 -2.45 -14.97
N ILE A 850 -23.54 -3.24 -14.38
CA ILE A 850 -23.44 -4.66 -14.71
C ILE A 850 -24.76 -5.38 -14.41
N LYS A 851 -25.34 -5.10 -13.24
CA LYS A 851 -26.60 -5.76 -12.90
C LYS A 851 -27.75 -5.29 -13.80
N LYS A 852 -27.74 -4.01 -14.19
CA LYS A 852 -28.87 -3.49 -14.97
C LYS A 852 -28.90 -4.06 -16.38
N TYR A 853 -27.75 -4.11 -17.06
CA TYR A 853 -27.76 -4.49 -18.47
C TYR A 853 -27.39 -5.95 -18.71
N ASN A 854 -27.37 -6.78 -17.67
CA ASN A 854 -27.17 -8.23 -17.79
C ASN A 854 -25.87 -8.60 -18.49
N LEU A 855 -24.79 -7.91 -18.15
CA LEU A 855 -23.49 -8.25 -18.70
C LEU A 855 -22.85 -9.37 -17.88
N GLU A 856 -22.05 -10.20 -18.54
CA GLU A 856 -21.32 -11.27 -17.87
C GLU A 856 -19.97 -10.73 -17.45
N ALA A 857 -19.88 -10.29 -16.20
CA ALA A 857 -18.65 -9.67 -15.71
C ALA A 857 -18.56 -9.84 -14.20
N ARG A 858 -17.33 -9.89 -13.70
CA ARG A 858 -17.07 -10.10 -12.28
C ARG A 858 -15.70 -9.53 -11.96
N LEU A 859 -15.61 -8.77 -10.87
CA LEU A 859 -14.36 -8.10 -10.52
C LEU A 859 -13.30 -9.12 -10.14
N CYS A 860 -12.12 -9.01 -10.74
CA CYS A 860 -11.01 -9.92 -10.49
C CYS A 860 -10.03 -9.37 -9.45
N ILE A 861 -9.47 -8.19 -9.70
CA ILE A 861 -8.44 -7.62 -8.82
C ILE A 861 -8.51 -6.10 -8.90
N SER A 862 -8.13 -5.45 -7.81
CA SER A 862 -8.14 -3.99 -7.73
C SER A 862 -6.98 -3.56 -6.84
N ILE A 863 -5.90 -3.12 -7.47
CA ILE A 863 -4.70 -2.68 -6.74
C ILE A 863 -4.73 -1.15 -6.72
N HIS A 864 -5.33 -0.60 -5.65
CA HIS A 864 -5.48 0.84 -5.43
C HIS A 864 -6.15 1.46 -6.64
N ASP A 865 -5.47 2.30 -7.43
CA ASP A 865 -6.09 2.91 -8.61
C ASP A 865 -6.41 1.87 -9.69
N GLU A 866 -5.53 0.88 -9.87
CA GLU A 866 -5.70 -0.08 -10.94
C GLU A 866 -6.90 -1.00 -10.66
N ILE A 867 -7.70 -1.25 -11.69
CA ILE A 867 -8.86 -2.12 -11.57
C ILE A 867 -8.96 -3.01 -12.81
N ARG A 868 -9.24 -4.29 -12.60
CA ARG A 868 -9.33 -5.24 -13.70
C ARG A 868 -10.57 -6.12 -13.55
N PHE A 869 -11.07 -6.61 -14.69
CA PHE A 869 -12.26 -7.44 -14.74
C PHE A 869 -12.03 -8.64 -15.66
N LEU A 870 -12.75 -9.72 -15.38
CA LEU A 870 -12.76 -10.92 -16.21
C LEU A 870 -14.04 -10.95 -17.02
N VAL A 871 -13.92 -10.87 -18.34
CA VAL A 871 -15.07 -10.69 -19.23
C VAL A 871 -14.98 -11.71 -20.36
N SER A 872 -16.12 -12.28 -20.74
CA SER A 872 -16.17 -13.19 -21.87
C SER A 872 -15.88 -12.46 -23.18
N GLU A 873 -15.73 -13.25 -24.25
CA GLU A 873 -15.29 -12.70 -25.53
C GLU A 873 -16.33 -11.79 -26.15
N LYS A 874 -17.62 -12.09 -25.98
CA LYS A 874 -18.66 -11.33 -26.65
C LYS A 874 -18.83 -9.94 -26.03
N ASP A 875 -18.69 -9.83 -24.71
CA ASP A 875 -18.99 -8.61 -23.98
C ASP A 875 -17.75 -7.77 -23.69
N LYS A 876 -16.69 -7.90 -24.49
CA LYS A 876 -15.41 -7.30 -24.14
C LYS A 876 -15.44 -5.77 -24.20
N TYR A 877 -16.07 -5.20 -25.24
CA TYR A 877 -16.06 -3.75 -25.40
C TYR A 877 -17.10 -3.07 -24.50
N ARG A 878 -18.17 -3.79 -24.17
CA ARG A 878 -19.25 -3.23 -23.36
C ARG A 878 -18.77 -2.92 -21.95
N ALA A 879 -17.85 -3.73 -21.41
CA ALA A 879 -17.28 -3.45 -20.10
C ALA A 879 -16.48 -2.15 -20.12
N ALA A 880 -15.74 -1.89 -21.20
CA ALA A 880 -15.00 -0.64 -21.32
C ALA A 880 -15.94 0.55 -21.38
N MET A 881 -17.04 0.41 -22.13
CA MET A 881 -18.04 1.49 -22.16
C MET A 881 -18.61 1.76 -20.77
N ALA A 882 -18.91 0.71 -20.01
CA ALA A 882 -19.40 0.88 -18.65
C ALA A 882 -18.36 1.55 -17.76
N LEU A 883 -17.08 1.22 -17.96
CA LEU A 883 -16.02 1.84 -17.19
C LEU A 883 -15.96 3.34 -17.44
N GLN A 884 -16.08 3.76 -18.70
CA GLN A 884 -16.07 5.19 -18.99
C GLN A 884 -17.26 5.91 -18.37
N ILE A 885 -18.45 5.29 -18.41
CA ILE A 885 -19.61 5.91 -17.76
C ILE A 885 -19.39 6.06 -16.26
N SER A 886 -18.81 5.03 -15.63
CA SER A 886 -18.54 5.09 -14.20
C SER A 886 -17.58 6.22 -13.87
N ASN A 887 -16.52 6.38 -14.69
CA ASN A 887 -15.55 7.43 -14.45
C ASN A 887 -16.17 8.82 -14.55
N ILE A 888 -17.00 9.05 -15.58
CA ILE A 888 -17.56 10.39 -15.74
C ILE A 888 -18.55 10.70 -14.61
N TRP A 889 -19.32 9.70 -14.15
CA TRP A 889 -20.20 9.94 -13.01
C TRP A 889 -19.41 10.27 -11.74
N THR A 890 -18.31 9.56 -11.49
CA THR A 890 -17.53 9.82 -10.28
C THR A 890 -16.92 11.22 -10.31
N ARG A 891 -16.35 11.62 -11.45
CA ARG A 891 -15.75 12.95 -11.54
C ARG A 891 -16.81 14.05 -11.38
N ALA A 892 -17.98 13.86 -12.00
CA ALA A 892 -19.03 14.87 -11.85
C ALA A 892 -19.50 14.99 -10.41
N MET A 893 -19.57 13.86 -9.69
CA MET A 893 -19.97 13.93 -8.28
C MET A 893 -18.93 14.70 -7.45
N PHE A 894 -17.64 14.44 -7.70
CA PHE A 894 -16.60 15.20 -6.99
C PHE A 894 -16.71 16.70 -7.26
N CYS A 895 -16.92 17.10 -8.51
CA CYS A 895 -17.05 18.53 -8.77
C CYS A 895 -18.32 19.12 -8.15
N GLN A 896 -19.43 18.38 -8.16
CA GLN A 896 -20.67 18.93 -7.61
C GLN A 896 -20.60 19.10 -6.10
N GLN A 897 -19.87 18.24 -5.39
CA GLN A 897 -19.83 18.40 -3.93
C GLN A 897 -19.08 19.65 -3.50
N MET A 898 -18.08 20.09 -4.27
CA MET A 898 -17.29 21.25 -3.87
C MET A 898 -17.97 22.58 -4.16
N GLY A 899 -19.05 22.59 -4.94
CA GLY A 899 -19.76 23.81 -5.26
C GLY A 899 -19.63 24.30 -6.69
N ILE A 900 -18.98 23.54 -7.56
CA ILE A 900 -18.83 23.88 -8.97
C ILE A 900 -19.74 22.98 -9.79
N ASN A 901 -20.50 23.57 -10.71
CA ASN A 901 -21.44 22.84 -11.53
C ASN A 901 -20.97 22.71 -12.98
N GLU A 902 -19.65 22.55 -13.17
CA GLU A 902 -19.08 22.37 -14.50
C GLU A 902 -17.88 21.46 -14.39
N LEU A 903 -17.52 20.84 -15.52
CA LEU A 903 -16.42 19.88 -15.58
C LEU A 903 -15.60 20.08 -16.85
N PRO A 904 -14.28 20.08 -16.75
CA PRO A 904 -13.45 20.14 -17.95
C PRO A 904 -13.59 18.88 -18.80
N GLN A 905 -13.43 19.07 -20.12
CA GLN A 905 -13.61 17.94 -21.04
C GLN A 905 -12.42 17.00 -21.01
N ASN A 906 -11.20 17.53 -20.85
CA ASN A 906 -10.00 16.72 -21.00
C ASN A 906 -9.86 15.68 -19.89
N CYS A 907 -10.26 16.03 -18.66
CA CYS A 907 -10.07 15.16 -17.52
C CYS A 907 -11.27 14.26 -17.25
N ALA A 908 -12.27 14.26 -18.13
CA ALA A 908 -13.51 13.54 -17.86
C ALA A 908 -13.37 12.03 -18.08
N PHE A 909 -12.52 11.59 -18.99
CA PHE A 909 -12.48 10.20 -19.41
C PHE A 909 -11.10 9.61 -19.22
N PHE A 910 -11.06 8.27 -19.12
CA PHE A 910 -9.80 7.56 -19.05
C PHE A 910 -9.00 7.75 -20.34
N SER A 911 -7.67 7.75 -20.20
CA SER A 911 -6.81 7.89 -21.37
C SER A 911 -6.86 6.62 -22.22
N GLN A 912 -6.48 5.48 -21.64
CA GLN A 912 -6.52 4.21 -22.35
C GLN A 912 -7.13 3.13 -21.47
N VAL A 913 -7.91 2.24 -22.09
CA VAL A 913 -8.44 1.05 -21.46
C VAL A 913 -7.85 -0.15 -22.19
N ASP A 914 -7.32 -1.12 -21.45
CA ASP A 914 -6.55 -2.18 -22.09
C ASP A 914 -7.24 -3.54 -21.99
N ILE A 915 -7.10 -4.33 -23.05
CA ILE A 915 -7.65 -5.67 -23.15
C ILE A 915 -6.49 -6.63 -23.38
N ASP A 916 -6.44 -7.69 -22.58
CA ASP A 916 -5.29 -8.59 -22.57
C ASP A 916 -5.71 -9.98 -22.14
N SER A 917 -4.75 -10.89 -22.10
CA SER A 917 -4.95 -12.25 -21.63
C SER A 917 -4.22 -12.58 -20.33
N VAL A 918 -3.20 -11.80 -19.96
CA VAL A 918 -2.48 -11.99 -18.72
C VAL A 918 -2.33 -10.65 -18.02
N ILE A 919 -1.85 -10.69 -16.78
CA ILE A 919 -1.70 -9.50 -15.96
C ILE A 919 -0.28 -8.97 -16.15
N ARG A 920 -0.12 -7.96 -17.00
CA ARG A 920 1.13 -7.24 -17.11
C ARG A 920 0.82 -5.75 -17.23
N LYS A 921 1.82 -4.93 -16.88
CA LYS A 921 1.58 -3.50 -16.72
C LYS A 921 1.28 -2.81 -18.05
N GLU A 922 2.01 -3.15 -19.10
CA GLU A 922 1.78 -2.59 -20.42
C GLU A 922 1.61 -3.72 -21.43
N VAL A 923 0.71 -3.51 -22.39
CA VAL A 923 0.36 -4.57 -23.33
C VAL A 923 1.52 -4.91 -24.26
N ASN A 924 2.36 -3.94 -24.60
CA ASN A 924 3.47 -4.15 -25.53
C ASN A 924 4.78 -4.42 -24.78
N MET A 925 4.75 -5.45 -23.93
CA MET A 925 5.90 -5.84 -23.13
C MET A 925 6.25 -7.29 -23.40
N ASP A 926 7.53 -7.55 -23.66
CA ASP A 926 7.97 -8.92 -23.90
C ASP A 926 8.01 -9.74 -22.62
N CYS A 927 8.36 -9.11 -21.49
CA CYS A 927 8.43 -9.75 -20.18
C CYS A 927 9.42 -10.92 -20.19
N ILE A 928 10.65 -10.64 -20.62
CA ILE A 928 11.71 -11.64 -20.67
C ILE A 928 12.61 -11.47 -19.45
N THR A 929 12.81 -12.55 -18.71
CA THR A 929 13.62 -12.60 -17.50
C THR A 929 14.72 -13.62 -17.72
N PRO A 930 15.72 -13.76 -16.83
CA PRO A 930 16.65 -14.89 -16.97
C PRO A 930 15.98 -16.25 -16.88
N SER A 931 14.86 -16.36 -16.16
CA SER A 931 14.18 -17.65 -16.04
C SER A 931 13.28 -17.94 -17.23
N ASN A 932 12.62 -16.91 -17.78
CA ASN A 932 11.66 -17.07 -18.86
C ASN A 932 12.29 -16.57 -20.16
N LYS A 933 12.41 -17.45 -21.15
CA LYS A 933 13.02 -17.12 -22.43
C LYS A 933 12.04 -17.04 -23.58
N THR A 934 10.73 -16.99 -23.30
CA THR A 934 9.70 -17.03 -24.33
C THR A 934 8.94 -15.71 -24.33
N ALA A 935 8.78 -15.13 -25.52
CA ALA A 935 8.03 -13.89 -25.66
C ALA A 935 6.54 -14.15 -25.49
N ILE A 936 5.80 -13.06 -25.27
CA ILE A 936 4.35 -13.11 -25.05
C ILE A 936 3.68 -12.27 -26.12
N PRO A 937 2.62 -12.76 -26.76
CA PRO A 937 1.91 -11.94 -27.75
C PRO A 937 1.25 -10.73 -27.11
N HIS A 938 1.09 -9.68 -27.91
CA HIS A 938 0.64 -8.38 -27.42
C HIS A 938 -0.88 -8.31 -27.32
N GLY A 939 -1.35 -7.53 -26.36
CA GLY A 939 -2.76 -7.19 -26.25
C GLY A 939 -3.06 -5.91 -26.99
N GLU A 940 -4.11 -5.21 -26.55
CA GLU A 940 -4.43 -3.94 -27.17
C GLU A 940 -4.86 -2.92 -26.12
N ALA A 941 -4.74 -1.65 -26.48
CA ALA A 941 -5.20 -0.53 -25.66
C ALA A 941 -5.97 0.43 -26.53
N LEU A 942 -7.08 0.94 -26.01
CA LEU A 942 -7.99 1.79 -26.79
C LEU A 942 -8.28 3.08 -26.04
N ASP A 943 -8.32 4.18 -26.77
CA ASP A 943 -8.81 5.44 -26.24
C ASP A 943 -10.31 5.56 -26.56
N ILE A 944 -10.90 6.72 -26.29
CA ILE A 944 -12.36 6.83 -26.32
C ILE A 944 -12.90 6.79 -27.75
N ASN A 945 -12.20 7.43 -28.70
CA ASN A 945 -12.70 7.45 -30.07
C ASN A 945 -12.58 6.08 -30.74
N GLN A 946 -11.48 5.38 -30.48
CA GLN A 946 -11.33 4.01 -30.96
C GLN A 946 -12.34 3.07 -30.30
N LEU A 947 -12.81 3.42 -29.11
CA LEU A 947 -13.87 2.65 -28.48
C LEU A 947 -15.22 2.94 -29.13
N LEU A 948 -15.48 4.20 -29.49
CA LEU A 948 -16.77 4.55 -30.04
C LEU A 948 -16.95 4.04 -31.46
N ASP A 949 -15.91 4.13 -32.29
CA ASP A 949 -16.12 3.77 -33.70
C ASP A 949 -16.21 2.27 -33.93
N LYS A 950 -15.79 1.45 -32.97
CA LYS A 950 -15.90 0.00 -33.12
C LYS A 950 -17.37 -0.42 -33.04
N PRO A 951 -17.77 -1.45 -33.78
CA PRO A 951 -19.15 -1.92 -33.71
C PRO A 951 -19.40 -2.75 -32.46
N ASN A 952 -20.68 -3.04 -32.23
CA ASN A 952 -21.19 -3.89 -31.13
C ASN A 952 -20.62 -3.51 -29.77
N SER A 953 -20.37 -2.21 -29.54
CA SER A 953 -19.90 -1.72 -28.26
C SER A 953 -20.99 -1.02 -27.47
N LYS A 954 -22.24 -1.07 -27.93
CA LYS A 954 -23.35 -0.38 -27.29
C LYS A 954 -24.11 -1.30 -26.35
N LEU A 955 -24.66 -0.72 -25.29
CA LEU A 955 -25.42 -1.48 -24.32
C LEU A 955 -26.74 -1.97 -24.92
N GLY A 956 -27.25 -3.07 -24.37
CA GLY A 956 -28.47 -3.68 -24.85
C GLY A 956 -29.72 -3.14 -24.18
N LYS A 957 -30.80 -3.91 -24.30
CA LYS A 957 -32.07 -3.49 -23.72
C LYS A 957 -32.05 -3.62 -22.20
N PRO A 958 -32.62 -2.65 -21.48
CA PRO A 958 -32.61 -2.71 -20.01
C PRO A 958 -33.72 -3.56 -19.44
N SER A 959 -33.85 -3.55 -18.12
CA SER A 959 -34.92 -4.25 -17.41
C SER A 959 -35.70 -3.26 -16.56
N LEU A 960 -37.02 -3.30 -16.66
CA LEU A 960 -37.86 -2.34 -15.94
C LEU A 960 -37.98 -2.67 -14.46
N ASP A 961 -37.91 -3.95 -14.09
CA ASP A 961 -38.09 -4.34 -12.70
C ASP A 961 -36.97 -3.80 -11.81
N ILE A 962 -35.77 -3.67 -12.35
CA ILE A 962 -34.66 -3.11 -11.57
C ILE A 962 -34.94 -1.66 -11.21
N ASP A 963 -35.42 -0.87 -12.17
CA ASP A 963 -35.78 0.51 -11.90
C ASP A 963 -36.95 0.59 -10.92
N SER A 964 -37.91 -0.34 -11.03
CA SER A 964 -39.03 -0.37 -10.10
C SER A 964 -38.56 -0.64 -8.68
N LYS A 965 -37.57 -1.54 -8.52
CA LYS A 965 -37.02 -1.82 -7.20
C LYS A 965 -36.21 -0.64 -6.67
N VAL A 966 -35.49 0.06 -7.54
CA VAL A 966 -34.71 1.22 -7.09
C VAL A 966 -35.62 2.35 -6.64
N SER A 967 -36.76 2.52 -7.32
CA SER A 967 -37.60 3.69 -7.09
C SER A 967 -38.22 3.76 -5.69
N GLN A 968 -38.29 2.65 -4.96
CA GLN A 968 -39.01 2.63 -3.70
C GLN A 968 -38.24 3.26 -2.54
N TYR A 969 -36.91 3.32 -2.61
CA TYR A 969 -36.12 3.81 -1.49
C TYR A 969 -36.25 5.33 -1.36
N ALA A 970 -35.92 5.82 -0.16
CA ALA A 970 -36.12 7.22 0.20
C ALA A 970 -34.82 8.01 0.15
N TYR A 971 -34.98 9.33 0.04
CA TYR A 971 -33.87 10.27 -0.05
C TYR A 971 -34.03 11.36 1.00
N ASN A 972 -32.92 11.73 1.63
CA ASN A 972 -32.90 12.79 2.62
C ASN A 972 -31.82 13.81 2.28
N TYR A 973 -32.16 15.09 2.42
CA TYR A 973 -31.25 16.17 2.07
C TYR A 973 -30.22 16.39 3.17
N ARG A 974 -28.97 16.62 2.76
CA ARG A 974 -27.90 16.92 3.70
C ARG A 974 -27.09 18.10 3.19
N GLU A 975 -26.69 18.98 4.12
CA GLU A 975 -25.91 20.16 3.79
C GLU A 975 -24.44 19.79 3.64
N PRO A 976 -23.77 20.31 2.61
CA PRO A 976 -22.37 19.94 2.36
C PRO A 976 -21.45 20.43 3.47
N VAL A 977 -20.27 19.80 3.54
CA VAL A 977 -19.38 19.98 4.69
C VAL A 977 -18.71 21.36 4.68
N PHE A 978 -18.40 21.91 3.50
CA PHE A 978 -17.71 23.20 3.49
C PHE A 978 -18.62 24.37 3.84
N GLU A 979 -19.95 24.20 3.74
CA GLU A 979 -20.84 25.31 4.05
C GLU A 979 -20.82 25.66 5.54
N GLU A 980 -20.78 24.64 6.41
CA GLU A 980 -20.71 24.91 7.84
C GLU A 980 -19.35 25.47 8.23
N TYR A 981 -18.30 25.14 7.47
CA TYR A 981 -17.01 25.78 7.69
C TYR A 981 -17.06 27.25 7.31
N ASN A 982 -17.67 27.57 6.16
CA ASN A 982 -17.67 28.95 5.69
C ASN A 982 -18.61 29.84 6.50
N LYS A 983 -19.69 29.29 7.06
CA LYS A 983 -20.59 30.15 7.82
C LYS A 983 -19.98 30.62 9.14
N SER A 984 -18.88 30.01 9.58
CA SER A 984 -18.21 30.49 10.79
C SER A 984 -17.59 31.86 10.59
N TYR A 985 -17.05 32.11 9.39
CA TYR A 985 -16.31 33.33 9.10
C TYR A 985 -17.21 34.38 8.45
N THR A 986 -17.10 35.61 8.91
CA THR A 986 -17.81 36.76 8.37
C THR A 986 -17.19 37.21 7.05
N PRO A 987 -18.00 37.72 6.10
CA PRO A 987 -17.48 37.94 4.74
C PRO A 987 -16.38 38.99 4.61
N GLU A 988 -16.41 40.06 5.40
CA GLU A 988 -15.38 41.09 5.29
C GLU A 988 -14.03 40.56 5.73
N PHE A 989 -14.01 39.70 6.75
CA PHE A 989 -12.77 39.05 7.16
C PHE A 989 -12.24 38.17 6.03
N LEU A 990 -13.15 37.49 5.32
CA LEU A 990 -12.76 36.64 4.20
C LEU A 990 -12.14 37.44 3.06
N LYS A 991 -12.80 38.54 2.66
CA LYS A 991 -12.27 39.32 1.55
C LYS A 991 -10.92 39.93 1.91
N TYR A 992 -10.74 40.37 3.17
CA TYR A 992 -9.46 40.94 3.55
C TYR A 992 -8.37 39.88 3.62
N PHE A 993 -8.70 38.69 4.12
CA PHE A 993 -7.71 37.62 4.20
C PHE A 993 -7.26 37.19 2.81
N LEU A 994 -8.19 37.03 1.87
CA LEU A 994 -7.81 36.68 0.51
C LEU A 994 -6.99 37.79 -0.15
N ALA A 995 -7.39 39.05 0.07
CA ALA A 995 -6.68 40.17 -0.53
C ALA A 995 -5.25 40.25 -0.01
N MET A 996 -5.02 39.89 1.26
CA MET A 996 -3.64 39.83 1.72
C MET A 996 -2.91 38.61 1.17
N GLN A 997 -3.60 37.49 0.99
CA GLN A 997 -2.93 36.31 0.45
C GLN A 997 -2.49 36.47 -0.99
N VAL A 998 -3.09 37.39 -1.75
CA VAL A 998 -2.65 37.54 -3.15
C VAL A 998 -1.42 38.43 -3.32
N GLN A 999 -1.10 39.30 -2.36
CA GLN A 999 0.02 40.22 -2.51
C GLN A 999 1.36 39.49 -2.50
N SER A 1000 2.33 40.07 -3.19
CA SER A 1000 3.67 39.49 -3.32
C SER A 1000 4.75 40.27 -2.56
N ASP A 1001 4.39 41.30 -1.80
CA ASP A 1001 5.37 42.06 -1.04
C ASP A 1001 4.79 42.30 0.35
N LYS A 1002 5.67 42.40 1.34
CA LYS A 1002 5.25 42.45 2.73
C LYS A 1002 4.57 43.78 3.08
N ARG A 1003 5.04 44.87 2.48
CA ARG A 1003 4.52 46.20 2.81
C ARG A 1003 3.05 46.32 2.42
N ASP A 1004 2.68 45.73 1.28
CA ASP A 1004 1.29 45.75 0.85
C ASP A 1004 0.40 45.01 1.83
N VAL A 1005 0.88 43.88 2.38
CA VAL A 1005 0.10 43.12 3.34
C VAL A 1005 -0.10 43.91 4.62
N ASN A 1006 0.96 44.60 5.08
CA ASN A 1006 0.81 45.47 6.25
C ASN A 1006 -0.22 46.56 6.02
N ARG A 1007 -0.19 47.18 4.83
CA ARG A 1007 -1.14 48.23 4.52
C ARG A 1007 -2.57 47.70 4.50
N LEU A 1008 -2.77 46.50 3.93
CA LEU A 1008 -4.11 45.92 3.88
C LEU A 1008 -4.63 45.57 5.27
N GLU A 1009 -3.75 45.06 6.15
CA GLU A 1009 -4.16 44.79 7.52
C GLU A 1009 -4.61 46.06 8.22
N ASP A 1010 -3.82 47.13 8.08
CA ASP A 1010 -4.21 48.40 8.70
C ASP A 1010 -5.50 48.93 8.10
N GLU A 1011 -5.71 48.73 6.80
CA GLU A 1011 -6.94 49.20 6.16
C GLU A 1011 -8.17 48.47 6.70
N TYR A 1012 -8.05 47.17 6.95
CA TYR A 1012 -9.14 46.47 7.63
C TYR A 1012 -9.37 47.03 9.03
N LEU A 1013 -8.30 47.34 9.75
CA LEU A 1013 -8.46 47.92 11.08
C LEU A 1013 -9.20 49.26 11.03
N ARG A 1014 -8.91 50.08 10.02
CA ARG A 1014 -9.65 51.34 9.86
C ARG A 1014 -11.10 51.11 9.47
N GLU A 1015 -11.38 50.12 8.62
CA GLU A 1015 -12.77 49.88 8.25
C GLU A 1015 -13.59 49.35 9.42
N CYS A 1016 -12.95 48.60 10.33
CA CYS A 1016 -13.67 48.03 11.46
C CYS A 1016 -14.23 49.11 12.38
N THR A 1017 -13.48 50.20 12.57
CA THR A 1017 -13.83 51.30 13.48
C THR A 1017 -14.18 50.82 14.89
PG DTP E . -0.29 7.74 -13.55
O1G DTP E . 0.92 7.46 -14.41
O2G DTP E . -1.44 6.86 -14.01
O3G DTP E . -0.68 9.19 -13.70
PB DTP E . -0.55 8.31 -10.65
O1B DTP E . -2.02 8.01 -10.46
O2B DTP E . -0.39 9.81 -10.87
O3B DTP E . 0.05 7.44 -11.96
PA DTP E . 0.80 6.16 -9.09
O1A DTP E . 0.01 5.29 -10.04
O2A DTP E . 2.29 5.97 -9.40
O3A DTP E . 0.33 7.77 -9.30
O5' DTP E . 0.39 5.76 -7.52
C5' DTP E . -0.93 6.07 -7.18
C4' DTP E . -1.02 7.03 -6.00
O4' DTP E . -0.26 6.50 -4.69
C3' DTP E . -0.50 8.21 -6.30
O3' DTP E . -1.56 9.06 -6.89
C2' DTP E . 0.00 8.75 -4.95
C1' DTP E . 0.48 7.48 -4.20
N9 DTP E . 1.92 7.24 -4.56
C8 DTP E . 2.61 6.52 -5.44
N7 DTP E . 3.89 6.75 -5.23
C5 DTP E . 4.02 7.60 -4.22
C6 DTP E . 5.12 8.17 -3.58
N6 DTP E . 6.63 8.12 -3.71
N1 DTP E . 4.93 9.00 -2.57
C2 DTP E . 3.67 9.32 -2.14
N3 DTP E . 2.62 8.76 -2.76
C4 DTP E . 2.77 7.90 -3.79
MG MG F . -1.94 5.98 -11.09
P 2DT G . 3.13 -0.76 -7.50
OP1 2DT G . 2.39 -1.28 -8.70
OP2 2DT G . 4.44 -0.16 -7.93
O5' 2DT G . 2.17 0.25 -6.59
N1 2DT G . 2.11 2.63 -3.62
C6 2DT G . 3.24 2.11 -4.37
C2 2DT G . 2.33 3.63 -2.56
O2 2DT G . 1.40 4.06 -1.94
N3 2DT G . 3.71 4.10 -2.25
C4 2DT G . 4.84 3.57 -3.00
O4 2DT G . 5.94 3.93 -2.77
C5 2DT G . 4.61 2.57 -4.07
C5M 2DT G . 5.79 2.00 -4.87
C2' 2DT G . 0.18 3.06 -5.15
C5' 2DT G . 0.80 0.03 -6.61
C4' 2DT G . 0.14 0.93 -5.73
O4' 2DT G . 0.78 0.94 -4.32
C1' 2DT G . 0.76 2.17 -3.93
C3' 2DT G . 0.30 2.35 -6.23
#